data_7H7I
#
_entry.id   7H7I
#
_cell.length_a   87.379
_cell.length_b   87.379
_cell.length_c   85.660
_cell.angle_alpha   90.00
_cell.angle_beta   90.00
_cell.angle_gamma   120.00
#
_symmetry.space_group_name_H-M   'P 31'
#
loop_
_entity.id
_entity.type
_entity.pdbx_description
1 polymer 'Non-structural protein 3'
2 non-polymer 'DIMETHYL SULFOXIDE'
3 non-polymer 2-AMINO-2-HYDROXYMETHYL-PROPANE-1,3-DIOL
4 non-polymer 'CHLORIDE ION'
5 non-polymer 2-fluoro-N-[2-(pyridin-4-yl)ethyl]benzamide
6 water water
#
_entity_poly.entity_id   1
_entity_poly.type   'polypeptide(L)'
_entity_poly.pdbx_seq_one_letter_code
;GAMAPSYRVKRMDIAKNDEECVVNAANPRGLPGDGVCKAVYKKWPESFKNSATPVGTAKTVMCGTYPVIHAVGPNFSNYT
ESEGDRELAAAYREVAKEVTRLGVNSVAIPLLSTGVYSGGKDRLTQSLNHLFTAMDSTDADVVIYCRDKEWEKKISEAIQ
MRT
;
_entity_poly.pdbx_strand_id   A,B,C,D
#
loop_
_chem_comp.id
_chem_comp.type
_chem_comp.name
_chem_comp.formula
CL non-polymer 'CHLORIDE ION' 'Cl -1'
DMS non-polymer 'DIMETHYL SULFOXIDE' 'C2 H6 O S'
TRS non-polymer 2-AMINO-2-HYDROXYMETHYL-PROPANE-1,3-DIOL 'C4 H12 N O3 1'
U0V non-polymer 2-fluoro-N-[2-(pyridin-4-yl)ethyl]benzamide 'C14 H13 F N2 O'
#
# COMPACT_ATOMS: atom_id res chain seq x y z
N GLY A 1 20.99 -3.54 12.18
CA GLY A 1 20.97 -5.03 12.30
C GLY A 1 19.95 -5.52 13.32
N ALA A 2 19.70 -6.82 13.37
CA ALA A 2 18.86 -7.44 14.43
C ALA A 2 19.64 -7.48 15.73
N MET A 3 19.00 -7.44 16.92
CA MET A 3 19.74 -7.42 18.21
C MET A 3 20.47 -8.76 18.45
N ALA A 4 19.89 -9.86 17.99
CA ALA A 4 20.48 -11.23 18.12
C ALA A 4 20.19 -11.97 16.82
N PRO A 5 20.92 -11.62 15.74
CA PRO A 5 20.61 -12.19 14.41
C PRO A 5 20.35 -13.71 14.46
N SER A 6 19.29 -14.19 13.79
CA SER A 6 18.79 -15.58 13.90
C SER A 6 18.46 -16.12 12.51
N TYR A 7 18.33 -17.43 12.43
CA TYR A 7 17.72 -18.16 11.30
C TYR A 7 16.45 -18.82 11.79
N ARG A 8 15.39 -18.74 10.99
CA ARG A 8 14.12 -19.41 11.27
C ARG A 8 13.62 -19.99 9.95
N VAL A 9 12.69 -20.94 10.05
CA VAL A 9 12.05 -21.53 8.86
C VAL A 9 10.56 -21.54 9.08
N LYS A 10 9.81 -21.17 8.05
CA LYS A 10 8.33 -21.26 8.06
C LYS A 10 7.85 -21.97 6.80
N ARG A 11 6.81 -22.79 6.94
CA ARG A 11 6.14 -23.48 5.79
C ARG A 11 4.87 -22.70 5.46
N MET A 12 4.99 -21.78 4.49
CA MET A 12 3.85 -20.94 4.03
C MET A 12 4.34 -20.17 2.81
N ASP A 13 3.40 -19.49 2.18
CA ASP A 13 3.62 -18.63 0.99
C ASP A 13 4.49 -17.43 1.40
N ILE A 14 5.66 -17.30 0.77
CA ILE A 14 6.61 -16.15 1.02
C ILE A 14 5.92 -14.80 0.71
N ALA A 15 4.89 -14.75 -0.15
CA ALA A 15 4.09 -13.54 -0.40
C ALA A 15 3.37 -13.03 0.86
N LYS A 16 3.25 -13.81 1.94
CA LYS A 16 2.63 -13.42 3.22
C LYS A 16 3.71 -13.23 4.30
N ASN A 17 4.97 -13.02 3.93
CA ASN A 17 6.06 -12.88 4.91
C ASN A 17 5.85 -11.68 5.84
N ASP A 18 6.49 -11.76 6.99
CA ASP A 18 6.52 -10.72 8.06
C ASP A 18 7.91 -10.09 8.18
N GLU A 19 8.65 -10.01 7.07
CA GLU A 19 10.03 -9.47 7.07
C GLU A 19 10.09 -8.13 6.32
N GLU A 20 11.22 -7.43 6.43
CA GLU A 20 11.40 -6.06 5.89
C GLU A 20 11.69 -6.06 4.38
N CYS A 21 11.99 -7.21 3.81
CA CYS A 21 12.21 -7.40 2.35
C CYS A 21 12.10 -8.88 2.00
N VAL A 22 11.98 -9.15 0.71
CA VAL A 22 11.75 -10.51 0.17
C VAL A 22 12.77 -10.78 -0.92
N VAL A 23 13.26 -12.00 -0.98
CA VAL A 23 14.07 -12.51 -2.13
C VAL A 23 13.13 -13.32 -3.03
N ASN A 24 13.06 -12.92 -4.29
CA ASN A 24 12.33 -13.69 -5.33
C ASN A 24 13.27 -14.74 -5.92
N ALA A 25 12.78 -15.96 -6.08
CA ALA A 25 13.48 -16.98 -6.90
C ALA A 25 13.16 -16.70 -8.37
N ALA A 26 13.81 -15.70 -8.94
CA ALA A 26 13.52 -15.08 -10.25
C ALA A 26 14.04 -15.94 -11.43
N ASN A 27 13.48 -15.64 -12.60
CA ASN A 27 14.10 -16.04 -13.88
C ASN A 27 14.94 -14.89 -14.41
N PRO A 28 15.89 -15.17 -15.32
CA PRO A 28 16.78 -14.11 -15.81
C PRO A 28 16.09 -13.00 -16.59
N ARG A 29 14.87 -13.24 -17.07
CA ARG A 29 14.16 -12.32 -18.00
C ARG A 29 13.15 -11.44 -17.30
N GLY A 30 13.03 -11.50 -15.98
CA GLY A 30 12.02 -10.67 -15.29
C GLY A 30 10.61 -11.04 -15.65
N LEU A 31 10.35 -12.31 -16.02
CA LEU A 31 8.99 -12.76 -16.39
C LEU A 31 8.25 -13.28 -15.16
N PRO A 32 6.90 -13.22 -15.16
CA PRO A 32 6.11 -13.72 -14.02
C PRO A 32 6.43 -15.14 -13.58
N GLY A 33 6.75 -16.05 -14.51
CA GLY A 33 7.26 -17.39 -14.11
C GLY A 33 6.19 -18.26 -13.45
N ASP A 34 6.59 -19.25 -12.66
CA ASP A 34 5.65 -20.04 -11.82
C ASP A 34 6.21 -20.25 -10.41
N GLY A 35 5.46 -20.89 -9.54
CA GLY A 35 5.91 -21.20 -8.17
C GLY A 35 6.11 -19.93 -7.34
N VAL A 36 7.22 -19.83 -6.60
CA VAL A 36 7.55 -18.62 -5.77
C VAL A 36 7.46 -17.38 -6.67
N CYS A 37 8.06 -17.40 -7.86
CA CYS A 37 8.12 -16.24 -8.78
C CYS A 37 6.72 -15.71 -9.13
N LYS A 38 5.75 -16.59 -9.41
CA LYS A 38 4.36 -16.15 -9.75
C LYS A 38 3.66 -15.55 -8.52
N ALA A 39 3.88 -16.11 -7.32
CA ALA A 39 3.24 -15.58 -6.09
C ALA A 39 3.79 -14.17 -5.87
N VAL A 40 5.09 -14.02 -6.12
CA VAL A 40 5.82 -12.72 -5.93
C VAL A 40 5.28 -11.73 -6.97
N TYR A 41 5.10 -12.17 -8.22
CA TYR A 41 4.52 -11.31 -9.27
C TYR A 41 3.12 -10.82 -8.88
N LYS A 42 2.27 -11.69 -8.33
CA LYS A 42 0.88 -11.32 -7.96
C LYS A 42 0.87 -10.30 -6.80
N LYS A 43 1.84 -10.43 -5.89
CA LYS A 43 1.89 -9.62 -4.65
C LYS A 43 2.57 -8.27 -4.90
N TRP A 44 3.64 -8.23 -5.67
CA TRP A 44 4.52 -7.07 -5.92
C TRP A 44 4.77 -6.87 -7.42
N PRO A 45 3.75 -6.75 -8.30
CA PRO A 45 3.99 -6.72 -9.75
C PRO A 45 4.83 -5.50 -10.20
N GLU A 46 4.75 -4.40 -9.45
CA GLU A 46 5.54 -3.17 -9.70
C GLU A 46 7.04 -3.49 -9.62
N SER A 47 7.44 -4.51 -8.85
CA SER A 47 8.87 -4.83 -8.67
C SER A 47 9.46 -5.51 -9.91
N PHE A 48 8.66 -5.81 -10.92
CA PHE A 48 9.17 -6.52 -12.11
C PHE A 48 9.51 -5.52 -13.23
N LYS A 49 9.43 -4.21 -12.95
CA LYS A 49 9.98 -3.19 -13.88
C LYS A 49 11.50 -3.27 -13.96
N ASN A 50 12.05 -3.68 -15.12
CA ASN A 50 13.52 -3.76 -15.35
C ASN A 50 14.17 -4.66 -14.30
N SER A 51 13.53 -5.79 -14.00
CA SER A 51 14.08 -6.79 -13.04
C SER A 51 14.97 -7.85 -13.71
N ALA A 52 15.01 -7.94 -15.03
CA ALA A 52 15.86 -8.94 -15.73
C ALA A 52 17.32 -8.76 -15.33
N THR A 53 18.03 -9.87 -15.08
CA THR A 53 19.40 -9.91 -14.56
C THR A 53 19.96 -11.31 -14.84
N PRO A 54 21.28 -11.45 -15.03
CA PRO A 54 21.85 -12.73 -15.42
C PRO A 54 21.81 -13.78 -14.32
N VAL A 55 22.09 -15.02 -14.71
CA VAL A 55 22.21 -16.11 -13.72
C VAL A 55 23.35 -15.77 -12.76
N GLY A 56 23.17 -16.10 -11.47
CA GLY A 56 24.25 -15.91 -10.47
C GLY A 56 24.27 -14.49 -9.91
N THR A 57 23.29 -13.66 -10.24
CA THR A 57 23.18 -12.25 -9.77
C THR A 57 21.87 -11.99 -9.05
N ALA A 58 21.78 -10.84 -8.40
CA ALA A 58 20.56 -10.36 -7.73
C ALA A 58 20.38 -8.89 -8.09
N LYS A 59 19.15 -8.52 -8.35
CA LYS A 59 18.80 -7.13 -8.71
C LYS A 59 17.61 -6.73 -7.87
N THR A 60 17.72 -5.63 -7.10
CA THR A 60 16.61 -5.17 -6.24
C THR A 60 15.78 -4.13 -6.97
N VAL A 61 14.47 -4.26 -6.91
CA VAL A 61 13.51 -3.23 -7.42
C VAL A 61 12.51 -3.01 -6.30
N MET A 62 12.19 -1.74 -6.02
N MET A 62 12.21 -1.74 -6.02
CA MET A 62 11.28 -1.34 -4.91
CA MET A 62 11.24 -1.33 -4.99
C MET A 62 9.82 -1.43 -5.38
C MET A 62 9.82 -1.59 -5.47
N CYS A 63 8.96 -2.03 -4.56
CA CYS A 63 7.49 -1.98 -4.70
C CYS A 63 7.01 -1.01 -3.63
N GLY A 64 6.74 0.25 -3.99
CA GLY A 64 6.56 1.30 -2.95
C GLY A 64 7.88 1.50 -2.25
N THR A 65 7.96 1.29 -0.95
CA THR A 65 9.23 1.28 -0.22
C THR A 65 9.65 -0.15 0.15
N TYR A 66 8.96 -1.17 -0.35
CA TYR A 66 9.27 -2.57 0.09
C TYR A 66 10.23 -3.19 -0.91
N PRO A 67 11.47 -3.58 -0.52
CA PRO A 67 12.46 -4.10 -1.48
C PRO A 67 12.19 -5.54 -1.90
N VAL A 68 12.18 -5.78 -3.21
CA VAL A 68 12.11 -7.16 -3.77
C VAL A 68 13.47 -7.44 -4.41
N ILE A 69 14.19 -8.43 -3.88
CA ILE A 69 15.56 -8.77 -4.36
C ILE A 69 15.35 -9.95 -5.33
N HIS A 70 15.46 -9.70 -6.63
CA HIS A 70 15.35 -10.76 -7.67
C HIS A 70 16.65 -11.53 -7.79
N ALA A 71 16.72 -12.74 -7.24
CA ALA A 71 17.93 -13.58 -7.22
C ALA A 71 17.75 -14.72 -8.24
N VAL A 72 18.68 -14.80 -9.19
CA VAL A 72 18.55 -15.78 -10.32
C VAL A 72 19.49 -16.97 -10.11
N GLY A 73 18.94 -18.07 -9.61
CA GLY A 73 19.69 -19.33 -9.46
C GLY A 73 19.75 -20.03 -10.81
N PRO A 74 20.74 -20.90 -10.99
CA PRO A 74 20.86 -21.68 -12.23
C PRO A 74 19.75 -22.73 -12.36
N ASN A 75 19.36 -22.99 -13.61
CA ASN A 75 18.47 -24.14 -13.93
C ASN A 75 19.37 -25.34 -14.21
N PHE A 76 19.37 -26.32 -13.33
CA PHE A 76 20.28 -27.49 -13.36
C PHE A 76 19.90 -28.39 -14.54
N SER A 77 18.80 -28.15 -15.21
CA SER A 77 18.53 -28.80 -16.53
C SER A 77 19.57 -28.35 -17.56
N ASN A 78 20.13 -27.15 -17.45
CA ASN A 78 20.98 -26.54 -18.50
C ASN A 78 22.44 -26.49 -18.09
N TYR A 79 22.72 -26.33 -16.80
CA TYR A 79 24.10 -26.24 -16.26
C TYR A 79 24.58 -27.65 -15.90
N THR A 80 25.88 -27.87 -16.02
CA THR A 80 26.61 -28.99 -15.39
C THR A 80 26.47 -28.87 -13.86
N GLU A 81 26.58 -29.99 -13.13
CA GLU A 81 26.58 -29.95 -11.64
C GLU A 81 27.63 -28.96 -11.15
N SER A 82 28.81 -28.94 -11.77
CA SER A 82 29.95 -28.09 -11.32
C SER A 82 29.64 -26.61 -11.56
N GLU A 83 29.22 -26.24 -12.76
CA GLU A 83 28.97 -24.82 -13.10
C GLU A 83 27.71 -24.34 -12.37
N GLY A 84 26.71 -25.19 -12.23
CA GLY A 84 25.46 -24.87 -11.51
C GLY A 84 25.77 -24.58 -10.06
N ASP A 85 26.61 -25.40 -9.45
CA ASP A 85 26.99 -25.21 -8.05
C ASP A 85 27.64 -23.84 -7.87
N ARG A 86 28.54 -23.43 -8.77
CA ARG A 86 29.25 -22.12 -8.72
C ARG A 86 28.22 -20.97 -8.83
N GLU A 87 27.27 -21.08 -9.76
CA GLU A 87 26.30 -19.99 -10.01
C GLU A 87 25.32 -19.91 -8.83
N LEU A 88 24.99 -21.04 -8.21
CA LEU A 88 24.02 -21.06 -7.09
C LEU A 88 24.66 -20.38 -5.87
N ALA A 89 25.90 -20.74 -5.57
CA ALA A 89 26.70 -20.03 -4.54
C ALA A 89 26.77 -18.53 -4.85
N ALA A 90 27.06 -18.13 -6.09
CA ALA A 90 27.20 -16.71 -6.48
C ALA A 90 25.87 -15.96 -6.22
N ALA A 91 24.73 -16.54 -6.63
CA ALA A 91 23.42 -15.85 -6.48
C ALA A 91 23.24 -15.48 -4.99
N TYR A 92 23.50 -16.42 -4.07
CA TYR A 92 23.33 -16.11 -2.63
C TYR A 92 24.34 -15.04 -2.17
N ARG A 93 25.61 -15.04 -2.64
CA ARG A 93 26.56 -13.96 -2.26
C ARG A 93 25.98 -12.60 -2.69
N GLU A 94 25.37 -12.49 -3.88
CA GLU A 94 24.78 -11.21 -4.35
C GLU A 94 23.56 -10.85 -3.50
N VAL A 95 22.79 -11.82 -2.98
CA VAL A 95 21.66 -11.55 -2.08
C VAL A 95 22.23 -10.94 -0.78
N ALA A 96 23.29 -11.51 -0.25
CA ALA A 96 23.91 -10.95 1.00
C ALA A 96 24.37 -9.50 0.80
N LYS A 97 24.96 -9.14 -0.35
CA LYS A 97 25.37 -7.75 -0.66
C LYS A 97 24.14 -6.82 -0.65
N GLU A 98 23.05 -7.23 -1.30
CA GLU A 98 21.83 -6.40 -1.40
C GLU A 98 21.19 -6.19 -0.02
N VAL A 99 21.02 -7.26 0.76
CA VAL A 99 20.44 -7.20 2.12
C VAL A 99 21.27 -6.20 2.93
N THR A 100 22.58 -6.29 2.80
CA THR A 100 23.48 -5.38 3.59
C THR A 100 23.28 -3.93 3.14
N ARG A 101 23.30 -3.71 1.83
CA ARG A 101 23.17 -2.37 1.19
C ARG A 101 21.86 -1.73 1.62
N LEU A 102 20.77 -2.49 1.69
CA LEU A 102 19.42 -1.96 1.97
C LEU A 102 19.30 -1.55 3.45
N GLY A 103 20.10 -2.14 4.33
CA GLY A 103 20.10 -1.82 5.77
C GLY A 103 18.89 -2.38 6.48
N VAL A 104 18.26 -3.43 5.92
CA VAL A 104 17.10 -4.10 6.55
C VAL A 104 17.53 -4.88 7.80
N ASN A 105 16.59 -5.08 8.72
CA ASN A 105 16.83 -5.91 9.91
C ASN A 105 16.32 -7.33 9.71
N SER A 106 15.64 -7.62 8.61
CA SER A 106 15.09 -8.98 8.37
C SER A 106 14.86 -9.17 6.87
N VAL A 107 14.90 -10.41 6.43
CA VAL A 107 14.74 -10.83 5.00
C VAL A 107 14.02 -12.18 4.97
N ALA A 108 13.04 -12.30 4.07
CA ALA A 108 12.35 -13.56 3.72
C ALA A 108 13.05 -14.17 2.50
N ILE A 109 13.45 -15.44 2.56
N ILE A 109 13.55 -15.41 2.59
CA ILE A 109 14.27 -16.05 1.47
CA ILE A 109 14.33 -16.07 1.51
C ILE A 109 13.82 -17.47 1.18
C ILE A 109 13.74 -17.45 1.18
N PRO A 110 13.61 -17.80 -0.12
CA PRO A 110 13.34 -19.17 -0.53
C PRO A 110 14.64 -19.95 -0.80
N LEU A 111 14.58 -21.28 -0.91
CA LEU A 111 15.81 -22.04 -1.30
C LEU A 111 15.92 -22.04 -2.83
N LEU A 112 16.89 -21.27 -3.36
CA LEU A 112 17.09 -21.11 -4.82
C LEU A 112 17.41 -22.47 -5.45
N SER A 113 16.95 -22.66 -6.69
CA SER A 113 17.30 -23.80 -7.58
C SER A 113 16.92 -25.16 -6.96
N THR A 114 15.83 -25.24 -6.19
CA THR A 114 15.39 -26.50 -5.52
C THR A 114 14.08 -27.03 -6.12
N GLY A 115 13.42 -26.27 -6.99
CA GLY A 115 12.12 -26.64 -7.60
C GLY A 115 12.24 -26.86 -9.10
N VAL A 116 11.53 -26.04 -9.89
CA VAL A 116 11.51 -26.11 -11.38
C VAL A 116 12.93 -25.96 -11.95
N TYR A 117 13.88 -25.40 -11.19
CA TYR A 117 15.30 -25.26 -11.62
C TYR A 117 16.21 -26.36 -11.03
N SER A 118 15.67 -27.35 -10.33
CA SER A 118 16.46 -28.40 -9.62
C SER A 118 17.02 -29.47 -10.58
N GLY A 119 16.57 -29.50 -11.83
CA GLY A 119 16.92 -30.59 -12.77
C GLY A 119 16.50 -31.96 -12.22
N GLY A 120 15.40 -32.00 -11.45
CA GLY A 120 14.77 -33.20 -10.88
C GLY A 120 15.55 -33.82 -9.72
N LYS A 121 16.42 -33.07 -9.02
CA LYS A 121 17.24 -33.61 -7.90
C LYS A 121 16.87 -32.86 -6.62
N ASP A 122 17.03 -33.54 -5.48
CA ASP A 122 16.84 -32.97 -4.12
C ASP A 122 18.08 -32.13 -3.85
N ARG A 123 17.93 -30.81 -3.77
CA ARG A 123 19.05 -29.86 -3.56
C ARG A 123 18.81 -29.06 -2.28
N LEU A 124 18.00 -29.59 -1.35
CA LEU A 124 17.78 -28.92 -0.03
C LEU A 124 19.12 -28.58 0.59
N THR A 125 19.98 -29.57 0.84
CA THR A 125 21.24 -29.40 1.61
C THR A 125 22.17 -28.48 0.82
N GLN A 126 22.26 -28.69 -0.49
CA GLN A 126 23.20 -27.93 -1.37
C GLN A 126 22.79 -26.45 -1.30
N SER A 127 21.49 -26.17 -1.46
CA SER A 127 20.99 -24.77 -1.58
C SER A 127 21.08 -24.09 -0.21
N LEU A 128 20.63 -24.78 0.84
CA LEU A 128 20.68 -24.27 2.24
C LEU A 128 22.12 -23.96 2.64
N ASN A 129 23.11 -24.80 2.30
CA ASN A 129 24.51 -24.58 2.73
C ASN A 129 25.06 -23.35 2.00
N HIS A 130 24.69 -23.12 0.73
CA HIS A 130 25.14 -21.89 0.03
C HIS A 130 24.45 -20.67 0.66
N LEU A 131 23.21 -20.79 1.07
CA LEU A 131 22.48 -19.70 1.77
C LEU A 131 23.27 -19.33 3.02
N PHE A 132 23.60 -20.33 3.85
CA PHE A 132 24.35 -20.10 5.10
C PHE A 132 25.70 -19.45 4.80
N THR A 133 26.45 -19.94 3.81
CA THR A 133 27.82 -19.41 3.52
C THR A 133 27.72 -17.89 3.26
N ALA A 134 26.69 -17.48 2.52
CA ALA A 134 26.49 -16.07 2.14
C ALA A 134 25.98 -15.26 3.33
N MET A 135 24.97 -15.75 4.06
CA MET A 135 24.20 -14.91 4.99
C MET A 135 24.85 -14.92 6.39
N ASP A 136 25.79 -15.82 6.66
CA ASP A 136 26.30 -15.95 8.06
C ASP A 136 26.97 -14.66 8.50
N SER A 137 27.55 -13.90 7.57
CA SER A 137 28.29 -12.67 7.92
C SER A 137 27.35 -11.45 7.92
N THR A 138 26.06 -11.62 7.63
CA THR A 138 25.08 -10.51 7.71
C THR A 138 24.44 -10.51 9.10
N ASP A 139 23.89 -9.38 9.53
CA ASP A 139 23.21 -9.32 10.85
C ASP A 139 21.70 -9.15 10.70
N ALA A 140 21.14 -9.42 9.50
CA ALA A 140 19.67 -9.49 9.36
C ALA A 140 19.09 -10.80 9.96
N ASP A 141 17.92 -10.76 10.54
CA ASP A 141 17.12 -11.96 10.85
C ASP A 141 16.71 -12.58 9.51
N VAL A 142 17.08 -13.85 9.31
CA VAL A 142 16.77 -14.58 8.05
C VAL A 142 15.61 -15.51 8.35
N VAL A 143 14.55 -15.43 7.55
CA VAL A 143 13.43 -16.39 7.64
C VAL A 143 13.30 -17.10 6.30
N ILE A 144 13.54 -18.40 6.33
CA ILE A 144 13.52 -19.28 5.12
C ILE A 144 12.10 -19.77 4.96
N TYR A 145 11.56 -19.71 3.74
CA TYR A 145 10.18 -20.17 3.43
C TYR A 145 10.24 -21.39 2.51
N CYS A 146 9.59 -22.50 2.91
CA CYS A 146 9.52 -23.76 2.11
C CYS A 146 8.05 -24.23 2.00
N ARG A 147 7.80 -25.22 1.14
CA ARG A 147 6.45 -25.68 0.71
C ARG A 147 6.01 -26.91 1.51
N ASP A 148 6.93 -27.83 1.82
CA ASP A 148 6.62 -29.20 2.31
C ASP A 148 7.11 -29.40 3.75
N LYS A 149 6.36 -30.18 4.54
CA LYS A 149 6.61 -30.43 5.99
C LYS A 149 7.90 -31.23 6.17
N GLU A 150 8.18 -32.18 5.25
CA GLU A 150 9.46 -32.95 5.19
C GLU A 150 10.63 -31.96 5.25
N TRP A 151 10.65 -30.99 4.33
CA TRP A 151 11.72 -29.96 4.21
C TRP A 151 11.68 -28.99 5.41
N GLU A 152 10.49 -28.62 5.90
CA GLU A 152 10.34 -27.77 7.11
C GLU A 152 11.14 -28.42 8.26
N LYS A 153 10.97 -29.73 8.45
CA LYS A 153 11.68 -30.51 9.50
C LYS A 153 13.20 -30.53 9.21
N LYS A 154 13.62 -30.82 7.97
CA LYS A 154 15.05 -30.92 7.61
C LYS A 154 15.74 -29.55 7.72
N ILE A 155 15.10 -28.48 7.27
CA ILE A 155 15.67 -27.11 7.39
C ILE A 155 15.76 -26.74 8.88
N SER A 156 14.72 -27.03 9.65
CA SER A 156 14.68 -26.70 11.10
C SER A 156 15.83 -27.45 11.79
N GLU A 157 16.01 -28.72 11.46
CA GLU A 157 17.09 -29.55 12.06
C GLU A 157 18.46 -28.94 11.71
N ALA A 158 18.71 -28.57 10.45
CA ALA A 158 20.00 -28.00 10.00
C ALA A 158 20.28 -26.71 10.76
N ILE A 159 19.26 -25.88 10.98
CA ILE A 159 19.48 -24.60 11.71
C ILE A 159 19.90 -24.94 13.15
N GLN A 160 19.16 -25.86 13.79
CA GLN A 160 19.33 -26.19 15.23
C GLN A 160 20.70 -26.84 15.44
N MET A 161 21.20 -27.63 14.48
CA MET A 161 22.51 -28.34 14.53
C MET A 161 23.65 -27.36 14.81
N ARG A 162 23.61 -26.16 14.23
CA ARG A 162 24.66 -25.12 14.41
C ARG A 162 24.45 -24.39 15.76
N THR A 163 23.33 -24.71 16.45
CA THR A 163 22.85 -24.33 17.81
C THR A 163 21.76 -23.27 17.62
N GLY B 1 -5.07 -7.32 33.62
CA GLY B 1 -6.47 -7.06 33.18
C GLY B 1 -6.61 -5.65 32.63
N ALA B 2 -7.75 -5.36 31.99
CA ALA B 2 -8.12 -4.01 31.51
C ALA B 2 -8.54 -3.17 32.73
N MET B 3 -8.12 -1.91 32.81
CA MET B 3 -8.36 -1.03 33.99
C MET B 3 -9.86 -1.03 34.34
N ALA B 4 -10.72 -0.97 33.31
CA ALA B 4 -12.20 -1.05 33.44
C ALA B 4 -12.69 -1.99 32.35
N PRO B 5 -12.68 -3.33 32.60
CA PRO B 5 -13.04 -4.31 31.57
C PRO B 5 -14.34 -3.93 30.85
N SER B 6 -14.34 -3.95 29.52
CA SER B 6 -15.45 -3.50 28.67
C SER B 6 -15.73 -4.55 27.59
N TYR B 7 -16.90 -4.42 26.99
CA TYR B 7 -17.30 -4.99 25.69
C TYR B 7 -17.48 -3.85 24.68
N ARG B 8 -16.99 -4.06 23.46
CA ARG B 8 -17.15 -3.10 22.34
C ARG B 8 -17.45 -3.92 21.07
N VAL B 9 -18.13 -3.32 20.09
CA VAL B 9 -18.34 -3.97 18.76
C VAL B 9 -17.70 -3.11 17.66
N LYS B 10 -17.09 -3.76 16.67
CA LYS B 10 -16.51 -3.11 15.46
C LYS B 10 -17.02 -3.88 14.23
N ARG B 11 -17.54 -3.16 13.25
CA ARG B 11 -17.99 -3.76 11.97
C ARG B 11 -16.85 -3.64 10.96
N MET B 12 -15.96 -4.64 10.92
CA MET B 12 -14.77 -4.71 10.05
C MET B 12 -14.19 -6.13 10.10
N ASP B 13 -13.21 -6.39 9.23
CA ASP B 13 -12.42 -7.64 9.09
C ASP B 13 -11.58 -7.84 10.37
N ILE B 14 -11.86 -8.91 11.07
CA ILE B 14 -11.18 -9.24 12.36
C ILE B 14 -9.67 -9.47 12.11
N ALA B 15 -9.23 -9.76 10.88
CA ALA B 15 -7.78 -9.90 10.56
C ALA B 15 -7.04 -8.55 10.75
N LYS B 16 -7.76 -7.44 10.81
CA LYS B 16 -7.18 -6.09 11.02
C LYS B 16 -7.34 -5.62 12.47
N ASN B 17 -7.64 -6.52 13.41
CA ASN B 17 -7.92 -6.16 14.82
C ASN B 17 -6.70 -5.46 15.46
N ASP B 18 -6.98 -4.54 16.40
CA ASP B 18 -5.96 -3.82 17.21
C ASP B 18 -5.91 -4.41 18.63
N GLU B 19 -6.26 -5.70 18.79
CA GLU B 19 -6.26 -6.38 20.12
C GLU B 19 -5.05 -7.29 20.29
N GLU B 20 -4.83 -7.77 21.52
CA GLU B 20 -3.63 -8.54 21.89
C GLU B 20 -3.74 -10.00 21.46
N CYS B 21 -4.91 -10.43 20.97
CA CYS B 21 -5.10 -11.78 20.40
C CYS B 21 -6.42 -11.82 19.65
N VAL B 22 -6.59 -12.87 18.84
CA VAL B 22 -7.77 -13.06 17.97
C VAL B 22 -8.33 -14.48 18.20
N VAL B 23 -9.65 -14.55 18.16
CA VAL B 23 -10.40 -15.83 18.13
C VAL B 23 -10.83 -16.08 16.69
N ASN B 24 -10.36 -17.18 16.15
CA ASN B 24 -10.76 -17.69 14.82
C ASN B 24 -12.04 -18.53 14.98
N ALA B 25 -13.01 -18.32 14.11
CA ALA B 25 -14.21 -19.20 14.01
C ALA B 25 -13.75 -20.37 13.14
N ALA B 26 -13.11 -21.36 13.76
CA ALA B 26 -12.34 -22.43 13.09
C ALA B 26 -13.25 -23.61 12.69
N ASN B 27 -12.76 -24.42 11.75
CA ASN B 27 -13.34 -25.75 11.52
C ASN B 27 -12.51 -26.76 12.30
N PRO B 28 -13.01 -27.98 12.55
CA PRO B 28 -12.29 -28.98 13.34
C PRO B 28 -10.95 -29.48 12.77
N ARG B 29 -10.69 -29.28 11.47
CA ARG B 29 -9.56 -29.95 10.78
C ARG B 29 -8.44 -28.96 10.50
N GLY B 30 -8.59 -27.70 10.93
CA GLY B 30 -7.58 -26.65 10.72
C GLY B 30 -7.44 -26.30 9.25
N LEU B 31 -8.54 -26.33 8.50
CA LEU B 31 -8.56 -25.99 7.07
C LEU B 31 -8.86 -24.52 6.93
N PRO B 32 -8.45 -23.90 5.80
CA PRO B 32 -8.79 -22.49 5.50
C PRO B 32 -10.26 -21.98 5.61
N GLY B 33 -11.23 -22.75 5.20
CA GLY B 33 -12.67 -22.45 5.49
C GLY B 33 -13.21 -21.18 4.85
N ASP B 34 -14.28 -20.59 5.40
CA ASP B 34 -14.96 -19.39 4.84
C ASP B 34 -15.05 -18.27 5.87
N GLY B 35 -15.58 -17.11 5.44
CA GLY B 35 -15.83 -15.96 6.32
C GLY B 35 -14.61 -15.62 7.15
N VAL B 36 -14.79 -15.47 8.47
CA VAL B 36 -13.69 -15.12 9.42
C VAL B 36 -12.48 -16.04 9.21
N CYS B 37 -12.68 -17.34 9.05
CA CYS B 37 -11.59 -18.32 9.00
C CYS B 37 -10.73 -18.01 7.76
N LYS B 38 -11.38 -17.67 6.65
CA LYS B 38 -10.65 -17.35 5.39
C LYS B 38 -9.77 -16.11 5.64
N ALA B 39 -10.35 -15.09 6.29
CA ALA B 39 -9.66 -13.82 6.63
C ALA B 39 -8.47 -14.10 7.54
N VAL B 40 -8.63 -15.00 8.51
CA VAL B 40 -7.55 -15.38 9.46
C VAL B 40 -6.49 -16.21 8.75
N TYR B 41 -6.87 -17.11 7.84
CA TYR B 41 -5.88 -17.93 7.12
C TYR B 41 -5.00 -17.06 6.21
N LYS B 42 -5.58 -15.99 5.67
CA LYS B 42 -4.88 -15.05 4.76
C LYS B 42 -3.66 -14.48 5.50
N LYS B 43 -3.83 -14.09 6.78
CA LYS B 43 -2.75 -13.41 7.54
C LYS B 43 -1.85 -14.35 8.37
N TRP B 44 -2.47 -15.34 9.04
CA TRP B 44 -1.79 -16.17 10.07
C TRP B 44 -1.80 -17.65 9.65
N PRO B 45 -1.38 -17.99 8.41
CA PRO B 45 -1.44 -19.38 7.95
C PRO B 45 -0.61 -20.35 8.80
N GLU B 46 0.56 -19.93 9.30
CA GLU B 46 1.44 -20.82 10.12
C GLU B 46 0.75 -21.09 11.47
N SER B 47 -0.24 -20.27 11.85
CA SER B 47 -1.13 -20.52 13.02
C SER B 47 -1.98 -21.78 12.79
N PHE B 48 -2.23 -22.15 11.53
CA PHE B 48 -3.01 -23.39 11.25
C PHE B 48 -2.14 -24.63 11.43
N LYS B 49 -0.85 -24.49 11.76
CA LYS B 49 0.00 -25.68 11.99
C LYS B 49 -0.53 -26.41 13.22
N ASN B 50 -1.03 -27.62 13.02
CA ASN B 50 -1.56 -28.52 14.09
C ASN B 50 -2.67 -27.81 14.86
N SER B 51 -3.49 -27.02 14.18
CA SER B 51 -4.63 -26.29 14.81
C SER B 51 -5.90 -27.16 14.90
N ALA B 52 -5.92 -28.34 14.27
CA ALA B 52 -7.13 -29.21 14.28
C ALA B 52 -7.52 -29.54 15.74
N THR B 53 -8.80 -29.44 16.09
CA THR B 53 -9.31 -29.66 17.47
C THR B 53 -10.81 -29.97 17.38
N PRO B 54 -11.41 -30.72 18.31
CA PRO B 54 -12.80 -31.09 18.22
C PRO B 54 -13.78 -29.92 18.35
N VAL B 55 -15.00 -30.18 17.90
CA VAL B 55 -16.14 -29.25 18.13
C VAL B 55 -16.27 -29.02 19.64
N GLY B 56 -16.52 -27.77 20.01
CA GLY B 56 -16.74 -27.38 21.39
C GLY B 56 -15.45 -27.11 22.14
N THR B 57 -14.32 -27.02 21.43
CA THR B 57 -12.99 -26.75 22.03
C THR B 57 -12.32 -25.51 21.40
N ALA B 58 -11.22 -25.09 22.00
CA ALA B 58 -10.37 -24.01 21.47
C ALA B 58 -8.95 -24.49 21.61
N LYS B 59 -8.13 -24.20 20.58
CA LYS B 59 -6.68 -24.54 20.52
C LYS B 59 -5.92 -23.29 20.07
N THR B 60 -5.03 -22.75 20.91
CA THR B 60 -4.22 -21.54 20.59
C THR B 60 -2.91 -21.97 19.93
N VAL B 61 -2.58 -21.32 18.81
CA VAL B 61 -1.30 -21.49 18.08
C VAL B 61 -0.66 -20.12 18.06
N MET B 62 0.57 -20.03 18.59
CA MET B 62 1.35 -18.78 18.67
C MET B 62 2.00 -18.50 17.31
N CYS B 63 1.80 -17.27 16.81
CA CYS B 63 2.59 -16.68 15.72
C CYS B 63 3.56 -15.65 16.33
N GLY B 64 4.77 -16.08 16.70
CA GLY B 64 5.71 -15.22 17.42
C GLY B 64 5.16 -15.00 18.80
N THR B 65 4.70 -13.78 19.08
CA THR B 65 4.08 -13.42 20.38
C THR B 65 2.57 -13.25 20.25
N TYR B 66 2.01 -13.30 19.03
CA TYR B 66 0.56 -13.07 18.75
C TYR B 66 -0.21 -14.40 18.85
N PRO B 67 -1.13 -14.58 19.85
CA PRO B 67 -1.95 -15.78 19.95
C PRO B 67 -3.20 -15.77 19.04
N VAL B 68 -3.37 -16.85 18.29
CA VAL B 68 -4.58 -17.15 17.48
C VAL B 68 -5.30 -18.29 18.18
N ILE B 69 -6.49 -17.99 18.72
CA ILE B 69 -7.31 -18.99 19.47
C ILE B 69 -8.34 -19.59 18.49
N HIS B 70 -8.09 -20.80 18.05
CA HIS B 70 -9.00 -21.50 17.09
C HIS B 70 -10.16 -22.09 17.89
N ALA B 71 -11.32 -21.49 17.79
CA ALA B 71 -12.53 -21.94 18.53
C ALA B 71 -13.48 -22.63 17.55
N VAL B 72 -13.83 -23.87 17.85
CA VAL B 72 -14.66 -24.69 16.91
C VAL B 72 -16.11 -24.72 17.41
N GLY B 73 -16.96 -23.88 16.83
CA GLY B 73 -18.40 -23.95 17.06
C GLY B 73 -19.02 -25.04 16.20
N PRO B 74 -20.19 -25.53 16.60
CA PRO B 74 -20.87 -26.62 15.89
C PRO B 74 -21.42 -26.09 14.57
N ASN B 75 -21.50 -27.00 13.58
CA ASN B 75 -22.27 -26.77 12.32
C ASN B 75 -23.71 -27.25 12.57
N PHE B 76 -24.65 -26.31 12.66
CA PHE B 76 -26.08 -26.61 12.93
C PHE B 76 -26.71 -27.29 11.70
N SER B 77 -26.04 -27.43 10.56
CA SER B 77 -26.50 -28.37 9.48
C SER B 77 -26.38 -29.82 9.98
N ASN B 78 -25.47 -30.11 10.91
CA ASN B 78 -25.10 -31.47 11.36
C ASN B 78 -25.57 -31.76 12.78
N TYR B 79 -25.54 -30.78 13.67
CA TYR B 79 -25.98 -30.94 15.09
C TYR B 79 -27.48 -30.61 15.20
N THR B 80 -28.18 -31.28 16.10
CA THR B 80 -29.50 -30.85 16.56
C THR B 80 -29.42 -29.51 17.28
N GLU B 81 -30.55 -28.82 17.41
CA GLU B 81 -30.62 -27.56 18.18
C GLU B 81 -30.09 -27.83 19.60
N SER B 82 -30.49 -28.95 20.22
CA SER B 82 -30.08 -29.28 21.60
C SER B 82 -28.57 -29.48 21.69
N GLU B 83 -28.02 -30.35 20.86
CA GLU B 83 -26.60 -30.76 20.96
C GLU B 83 -25.71 -29.61 20.50
N GLY B 84 -26.15 -28.87 19.51
CA GLY B 84 -25.46 -27.66 19.00
C GLY B 84 -25.40 -26.61 20.09
N ASP B 85 -26.50 -26.38 20.79
CA ASP B 85 -26.54 -25.30 21.83
C ASP B 85 -25.47 -25.59 22.87
N ARG B 86 -25.29 -26.86 23.24
CA ARG B 86 -24.33 -27.27 24.30
C ARG B 86 -22.90 -27.08 23.78
N GLU B 87 -22.62 -27.46 22.52
CA GLU B 87 -21.26 -27.38 21.93
C GLU B 87 -20.90 -25.91 21.73
N LEU B 88 -21.88 -25.05 21.43
CA LEU B 88 -21.60 -23.63 21.17
C LEU B 88 -21.24 -22.97 22.50
N ALA B 89 -21.99 -23.26 23.57
CA ALA B 89 -21.64 -22.79 24.93
C ALA B 89 -20.22 -23.25 25.28
N ALA B 90 -19.88 -24.52 25.01
CA ALA B 90 -18.61 -25.15 25.36
C ALA B 90 -17.45 -24.43 24.66
N ALA B 91 -17.60 -24.14 23.36
CA ALA B 91 -16.54 -23.48 22.58
C ALA B 91 -16.21 -22.16 23.29
N TYR B 92 -17.24 -21.35 23.62
CA TYR B 92 -16.95 -20.05 24.25
C TYR B 92 -16.34 -20.26 25.65
N ARG B 93 -16.78 -21.25 26.42
CA ARG B 93 -16.13 -21.50 27.73
C ARG B 93 -14.62 -21.77 27.56
N GLU B 94 -14.22 -22.54 26.54
N GLU B 94 -14.24 -22.50 26.52
CA GLU B 94 -12.78 -22.83 26.27
CA GLU B 94 -12.81 -22.83 26.28
C GLU B 94 -12.07 -21.54 25.83
C GLU B 94 -12.07 -21.56 25.81
N VAL B 95 -12.74 -20.65 25.09
CA VAL B 95 -12.16 -19.34 24.70
C VAL B 95 -11.84 -18.54 25.99
N ALA B 96 -12.77 -18.45 26.94
CA ALA B 96 -12.55 -17.75 28.21
C ALA B 96 -11.32 -18.29 28.97
N LYS B 97 -11.17 -19.62 29.05
CA LYS B 97 -10.04 -20.27 29.75
C LYS B 97 -8.73 -19.93 29.02
N GLU B 98 -8.73 -19.91 27.68
CA GLU B 98 -7.51 -19.57 26.90
C GLU B 98 -7.13 -18.10 27.11
N VAL B 99 -8.10 -17.18 27.01
CA VAL B 99 -7.87 -15.73 27.18
C VAL B 99 -7.28 -15.51 28.59
N THR B 100 -7.80 -16.22 29.57
CA THR B 100 -7.34 -16.10 30.98
C THR B 100 -5.89 -16.61 31.06
N ARG B 101 -5.64 -17.78 30.50
CA ARG B 101 -4.30 -18.43 30.57
C ARG B 101 -3.24 -17.52 29.91
N LEU B 102 -3.58 -16.88 28.82
CA LEU B 102 -2.64 -16.08 27.99
C LEU B 102 -2.28 -14.78 28.71
N GLY B 103 -3.15 -14.28 29.59
CA GLY B 103 -2.90 -13.04 30.35
C GLY B 103 -3.02 -11.79 29.50
N VAL B 104 -3.67 -11.87 28.35
CA VAL B 104 -3.91 -10.69 27.49
C VAL B 104 -4.84 -9.73 28.22
N ASN B 105 -4.79 -8.47 27.83
CA ASN B 105 -5.68 -7.40 28.33
C ASN B 105 -6.79 -7.12 27.33
N SER B 106 -6.74 -7.72 26.14
CA SER B 106 -7.78 -7.53 25.11
C SER B 106 -7.81 -8.77 24.18
N VAL B 107 -8.95 -8.95 23.53
CA VAL B 107 -9.25 -10.06 22.59
C VAL B 107 -10.32 -9.61 21.60
N ALA B 108 -10.11 -9.95 20.33
CA ALA B 108 -11.03 -9.78 19.20
C ALA B 108 -11.75 -11.11 19.02
N ILE B 109 -13.09 -11.10 19.05
N ILE B 109 -13.10 -11.09 19.08
CA ILE B 109 -13.89 -12.36 18.99
CA ILE B 109 -13.96 -12.30 19.03
C ILE B 109 -15.06 -12.18 18.02
C ILE B 109 -15.02 -12.13 17.95
N PRO B 110 -15.25 -13.14 17.08
CA PRO B 110 -16.40 -13.14 16.20
C PRO B 110 -17.54 -13.94 16.86
N LEU B 111 -18.75 -13.86 16.29
CA LEU B 111 -19.91 -14.64 16.77
C LEU B 111 -19.87 -16.05 16.13
N LEU B 112 -19.45 -17.03 16.90
CA LEU B 112 -19.35 -18.44 16.48
C LEU B 112 -20.71 -19.00 16.03
N SER B 113 -20.66 -19.78 14.97
CA SER B 113 -21.79 -20.54 14.37
C SER B 113 -22.86 -19.60 13.76
N THR B 114 -22.51 -18.38 13.35
CA THR B 114 -23.51 -17.40 12.81
C THR B 114 -23.41 -17.28 11.28
N GLY B 115 -22.40 -17.87 10.66
CA GLY B 115 -22.25 -17.81 9.19
C GLY B 115 -22.63 -19.13 8.53
N VAL B 116 -21.70 -19.77 7.85
CA VAL B 116 -21.96 -21.04 7.11
C VAL B 116 -22.24 -22.17 8.10
N TYR B 117 -21.97 -22.02 9.39
CA TYR B 117 -22.37 -23.06 10.40
C TYR B 117 -23.76 -22.78 11.03
N SER B 118 -24.49 -21.75 10.62
CA SER B 118 -25.79 -21.36 11.22
C SER B 118 -26.95 -22.31 10.89
N GLY B 119 -26.80 -23.17 9.86
CA GLY B 119 -27.90 -24.03 9.41
C GLY B 119 -29.04 -23.20 8.83
N GLY B 120 -28.74 -22.02 8.29
CA GLY B 120 -29.71 -21.08 7.69
C GLY B 120 -30.57 -20.36 8.71
N LYS B 121 -30.18 -20.25 9.98
CA LYS B 121 -30.97 -19.56 11.02
C LYS B 121 -30.19 -18.34 11.52
N ASP B 122 -30.90 -17.28 11.88
CA ASP B 122 -30.38 -16.07 12.55
C ASP B 122 -29.99 -16.44 13.99
N ARG B 123 -28.69 -16.48 14.31
CA ARG B 123 -28.23 -16.98 15.64
C ARG B 123 -27.48 -15.86 16.38
N LEU B 124 -27.74 -14.59 16.04
CA LEU B 124 -27.02 -13.47 16.70
C LEU B 124 -27.24 -13.56 18.20
N THR B 125 -28.49 -13.59 18.64
CA THR B 125 -28.84 -13.54 20.08
C THR B 125 -28.28 -14.79 20.79
N GLN B 126 -28.45 -15.95 20.21
CA GLN B 126 -27.97 -17.23 20.77
C GLN B 126 -26.45 -17.16 20.97
N SER B 127 -25.73 -16.79 19.93
CA SER B 127 -24.25 -16.81 19.94
C SER B 127 -23.76 -15.73 20.92
N LEU B 128 -24.35 -14.55 20.87
CA LEU B 128 -23.93 -13.43 21.75
C LEU B 128 -24.19 -13.81 23.21
N ASN B 129 -25.29 -14.48 23.50
CA ASN B 129 -25.63 -14.89 24.89
C ASN B 129 -24.56 -15.85 25.41
N HIS B 130 -24.11 -16.82 24.59
CA HIS B 130 -23.07 -17.78 25.02
C HIS B 130 -21.72 -17.04 25.18
N LEU B 131 -21.44 -16.05 24.33
CA LEU B 131 -20.20 -15.25 24.40
C LEU B 131 -20.19 -14.52 25.76
N PHE B 132 -21.28 -13.84 26.10
CA PHE B 132 -21.38 -13.14 27.40
C PHE B 132 -21.25 -14.14 28.56
N THR B 133 -21.98 -15.27 28.53
CA THR B 133 -21.97 -16.24 29.66
C THR B 133 -20.52 -16.64 29.98
N ALA B 134 -19.72 -16.86 28.96
CA ALA B 134 -18.31 -17.29 29.10
C ALA B 134 -17.44 -16.10 29.50
N MET B 135 -17.55 -14.96 28.81
CA MET B 135 -16.51 -13.91 28.90
C MET B 135 -16.81 -12.98 30.08
N ASP B 136 -18.02 -13.00 30.67
CA ASP B 136 -18.40 -12.01 31.72
C ASP B 136 -17.42 -12.09 32.89
N SER B 137 -16.95 -13.28 33.24
CA SER B 137 -16.07 -13.47 34.42
C SER B 137 -14.60 -13.19 34.09
N THR B 138 -14.24 -12.85 32.84
CA THR B 138 -12.84 -12.49 32.46
C THR B 138 -12.68 -10.97 32.57
N ASP B 139 -11.44 -10.49 32.70
CA ASP B 139 -11.20 -9.03 32.83
C ASP B 139 -10.54 -8.47 31.58
N ALA B 140 -10.48 -9.21 30.47
CA ALA B 140 -9.92 -8.67 29.22
C ALA B 140 -10.95 -7.73 28.59
N ASP B 141 -10.48 -6.68 27.91
CA ASP B 141 -11.33 -5.88 27.02
C ASP B 141 -11.72 -6.78 25.86
N VAL B 142 -13.02 -6.94 25.65
CA VAL B 142 -13.55 -7.79 24.54
C VAL B 142 -14.08 -6.91 23.43
N VAL B 143 -13.57 -7.16 22.22
CA VAL B 143 -14.02 -6.47 20.98
C VAL B 143 -14.65 -7.54 20.09
N ILE B 144 -15.96 -7.42 19.91
CA ILE B 144 -16.78 -8.32 19.07
C ILE B 144 -16.75 -7.79 17.63
N TYR B 145 -16.38 -8.63 16.66
CA TYR B 145 -16.35 -8.24 15.22
C TYR B 145 -17.57 -8.82 14.51
N CYS B 146 -18.15 -8.02 13.61
CA CYS B 146 -19.25 -8.42 12.71
C CYS B 146 -19.07 -7.72 11.36
N ARG B 147 -19.88 -8.06 10.36
CA ARG B 147 -19.74 -7.43 9.01
C ARG B 147 -21.02 -6.66 8.66
N ASP B 148 -22.16 -7.10 9.17
CA ASP B 148 -23.48 -6.56 8.81
C ASP B 148 -23.81 -5.34 9.66
N LYS B 149 -24.29 -4.26 9.01
CA LYS B 149 -24.68 -3.01 9.71
C LYS B 149 -25.83 -3.26 10.67
N GLU B 150 -26.84 -4.07 10.31
CA GLU B 150 -28.00 -4.37 11.20
C GLU B 150 -27.51 -5.17 12.41
N TRP B 151 -26.55 -6.08 12.21
CA TRP B 151 -25.97 -6.90 13.31
C TRP B 151 -25.17 -6.00 14.28
N GLU B 152 -24.31 -5.13 13.76
CA GLU B 152 -23.56 -4.12 14.56
C GLU B 152 -24.54 -3.38 15.47
N LYS B 153 -25.66 -2.89 14.94
CA LYS B 153 -26.68 -2.15 15.72
C LYS B 153 -27.19 -3.05 16.87
N LYS B 154 -27.60 -4.29 16.58
CA LYS B 154 -28.23 -5.19 17.58
C LYS B 154 -27.22 -5.61 18.65
N ILE B 155 -25.95 -5.83 18.27
CA ILE B 155 -24.85 -6.21 19.23
C ILE B 155 -24.56 -5.00 20.11
N SER B 156 -24.37 -3.85 19.50
CA SER B 156 -24.17 -2.57 20.23
C SER B 156 -25.32 -2.38 21.23
N GLU B 157 -26.57 -2.61 20.80
CA GLU B 157 -27.74 -2.38 21.68
C GLU B 157 -27.69 -3.38 22.84
N ALA B 158 -27.38 -4.65 22.55
CA ALA B 158 -27.28 -5.70 23.58
C ALA B 158 -26.21 -5.29 24.59
N ILE B 159 -25.06 -4.74 24.18
CA ILE B 159 -23.97 -4.36 25.14
C ILE B 159 -24.48 -3.26 26.09
N GLN B 160 -24.96 -2.15 25.52
CA GLN B 160 -25.33 -0.91 26.27
C GLN B 160 -26.50 -1.20 27.22
N MET B 161 -27.38 -2.15 26.86
CA MET B 161 -28.56 -2.52 27.67
C MET B 161 -28.17 -3.11 29.02
N ARG B 162 -26.97 -3.68 29.16
CA ARG B 162 -26.62 -4.45 30.38
C ARG B 162 -25.97 -3.55 31.43
N THR B 163 -25.53 -2.36 31.01
CA THR B 163 -24.75 -1.37 31.80
C THR B 163 -25.67 -0.22 32.22
N GLY C 1 -6.59 26.40 -7.08
CA GLY C 1 -5.14 26.03 -6.88
C GLY C 1 -4.31 27.15 -6.28
N ALA C 2 -3.28 26.84 -5.50
CA ALA C 2 -2.28 27.81 -5.05
C ALA C 2 -1.56 28.32 -6.31
N MET C 3 -1.15 29.58 -6.34
CA MET C 3 -0.50 30.18 -7.55
C MET C 3 0.86 29.49 -7.82
N ALA C 4 1.59 29.09 -6.79
CA ALA C 4 2.89 28.38 -6.88
C ALA C 4 2.88 27.30 -5.81
N PRO C 5 2.20 26.17 -6.09
CA PRO C 5 2.00 25.10 -5.09
C PRO C 5 3.31 24.78 -4.37
N SER C 6 3.30 24.73 -3.03
CA SER C 6 4.51 24.46 -2.22
C SER C 6 4.29 23.36 -1.18
N TYR C 7 5.40 22.90 -0.63
CA TYR C 7 5.45 22.15 0.64
C TYR C 7 6.12 22.99 1.73
N ARG C 8 5.58 22.92 2.94
CA ARG C 8 6.20 23.56 4.13
C ARG C 8 6.06 22.60 5.31
N VAL C 9 6.89 22.76 6.33
CA VAL C 9 6.73 21.99 7.58
C VAL C 9 6.69 22.99 8.73
N LYS C 10 5.84 22.67 9.71
CA LYS C 10 5.72 23.44 10.96
C LYS C 10 5.76 22.48 12.15
N ARG C 11 6.54 22.85 13.17
CA ARG C 11 6.52 22.19 14.50
C ARG C 11 5.46 22.88 15.38
N MET C 12 4.24 22.33 15.42
CA MET C 12 3.05 23.05 15.91
C MET C 12 1.88 22.07 16.01
N ASP C 13 0.95 22.33 16.91
CA ASP C 13 -0.33 21.59 17.08
C ASP C 13 -1.17 21.74 15.80
N ILE C 14 -1.49 20.62 15.15
CA ILE C 14 -2.22 20.67 13.85
C ILE C 14 -3.63 21.20 14.12
N ALA C 15 -4.09 21.13 15.37
CA ALA C 15 -5.44 21.62 15.72
C ALA C 15 -5.51 23.15 15.66
N LYS C 16 -4.35 23.82 15.53
N LYS C 16 -4.37 23.84 15.57
CA LYS C 16 -4.23 25.30 15.43
CA LYS C 16 -4.31 25.32 15.41
C LYS C 16 -3.71 25.69 14.04
C LYS C 16 -3.70 25.69 14.05
N ASN C 17 -3.88 24.83 13.03
CA ASN C 17 -3.37 25.11 11.67
C ASN C 17 -3.99 26.37 11.03
N ASP C 18 -3.29 26.88 10.01
CA ASP C 18 -3.63 28.10 9.22
C ASP C 18 -4.04 27.73 7.79
N GLU C 19 -4.54 26.52 7.58
CA GLU C 19 -4.92 26.06 6.24
C GLU C 19 -6.44 25.89 6.08
N GLU C 20 -6.86 25.64 4.83
CA GLU C 20 -8.31 25.60 4.45
C GLU C 20 -8.98 24.27 4.86
N CYS C 21 -8.19 23.25 5.19
CA CYS C 21 -8.71 21.95 5.68
C CYS C 21 -7.62 21.19 6.42
N VAL C 22 -8.01 20.14 7.15
CA VAL C 22 -7.07 19.35 7.98
C VAL C 22 -7.22 17.86 7.66
N VAL C 23 -6.11 17.16 7.70
CA VAL C 23 -6.08 15.68 7.66
C VAL C 23 -5.95 15.18 9.09
N ASN C 24 -6.91 14.33 9.50
CA ASN C 24 -6.85 13.64 10.80
C ASN C 24 -6.16 12.29 10.60
N ALA C 25 -5.21 11.96 11.44
CA ALA C 25 -4.65 10.59 11.50
C ALA C 25 -5.64 9.73 12.29
N ALA C 26 -6.61 9.20 11.59
CA ALA C 26 -7.87 8.63 12.12
C ALA C 26 -7.68 7.14 12.42
N ASN C 27 -8.69 6.55 13.08
CA ASN C 27 -8.77 5.09 13.32
C ASN C 27 -9.99 4.60 12.56
N PRO C 28 -10.03 3.32 12.16
CA PRO C 28 -11.15 2.84 11.33
C PRO C 28 -12.53 3.00 11.98
N ARG C 29 -12.59 3.15 13.30
CA ARG C 29 -13.90 3.17 14.03
C ARG C 29 -14.47 4.60 14.07
N GLY C 30 -13.64 5.61 13.85
CA GLY C 30 -14.08 7.01 13.94
C GLY C 30 -14.19 7.45 15.38
N LEU C 31 -13.35 6.88 16.26
CA LEU C 31 -13.24 7.21 17.70
C LEU C 31 -12.23 8.32 17.94
N PRO C 32 -12.44 9.13 19.00
CA PRO C 32 -11.46 10.10 19.48
C PRO C 32 -9.99 9.65 19.46
N GLY C 33 -9.71 8.39 19.80
CA GLY C 33 -8.33 7.86 19.73
C GLY C 33 -7.36 8.66 20.59
N ASP C 34 -6.11 8.80 20.17
CA ASP C 34 -5.01 9.50 20.91
C ASP C 34 -4.09 10.22 19.92
N GLY C 35 -3.10 10.93 20.45
CA GLY C 35 -2.16 11.74 19.63
C GLY C 35 -2.90 12.86 18.92
N VAL C 36 -2.62 13.07 17.62
CA VAL C 36 -3.30 14.12 16.80
C VAL C 36 -4.81 13.84 16.85
N CYS C 37 -5.23 12.56 16.76
CA CYS C 37 -6.68 12.17 16.66
C CYS C 37 -7.45 12.74 17.87
N LYS C 38 -6.85 12.82 19.07
CA LYS C 38 -7.47 13.41 20.30
C LYS C 38 -7.61 14.94 20.20
N ALA C 39 -6.53 15.66 19.97
CA ALA C 39 -6.51 17.12 19.77
C ALA C 39 -7.49 17.53 18.65
N VAL C 40 -7.59 16.72 17.58
CA VAL C 40 -8.47 16.95 16.41
C VAL C 40 -9.93 16.78 16.91
N TYR C 41 -10.17 15.74 17.72
CA TYR C 41 -11.51 15.46 18.30
C TYR C 41 -11.93 16.65 19.18
N LYS C 42 -11.02 17.20 19.96
CA LYS C 42 -11.35 18.33 20.87
C LYS C 42 -11.62 19.61 20.06
N LYS C 43 -10.90 19.84 18.95
CA LYS C 43 -11.12 21.05 18.10
C LYS C 43 -12.38 20.91 17.24
N TRP C 44 -12.61 19.75 16.64
CA TRP C 44 -13.66 19.56 15.62
C TRP C 44 -14.52 18.34 15.92
N PRO C 45 -15.13 18.25 17.13
CA PRO C 45 -15.85 17.04 17.52
C PRO C 45 -16.99 16.66 16.55
N GLU C 46 -17.65 17.67 15.94
CA GLU C 46 -18.77 17.47 14.98
C GLU C 46 -18.34 16.67 13.73
N SER C 47 -17.05 16.71 13.39
CA SER C 47 -16.49 16.00 12.20
C SER C 47 -16.41 14.49 12.44
N PHE C 48 -16.63 14.03 13.69
CA PHE C 48 -16.56 12.58 14.06
C PHE C 48 -17.92 11.86 13.89
N LYS C 49 -18.94 12.57 13.40
CA LYS C 49 -20.26 11.99 13.03
C LYS C 49 -20.10 11.09 11.80
N ASN C 50 -20.24 9.77 11.98
CA ASN C 50 -20.12 8.76 10.90
C ASN C 50 -18.81 8.98 10.14
N SER C 51 -17.71 9.17 10.88
CA SER C 51 -16.35 9.35 10.32
C SER C 51 -15.69 7.99 10.08
N ALA C 52 -16.29 6.88 10.53
CA ALA C 52 -15.71 5.53 10.36
C ALA C 52 -15.39 5.29 8.89
N THR C 53 -14.19 4.78 8.59
CA THR C 53 -13.72 4.45 7.23
C THR C 53 -12.60 3.43 7.36
N PRO C 54 -12.48 2.50 6.38
CA PRO C 54 -11.50 1.42 6.47
C PRO C 54 -10.04 1.88 6.37
N VAL C 55 -9.15 1.05 6.92
CA VAL C 55 -7.69 1.15 6.69
C VAL C 55 -7.46 1.36 5.19
N GLY C 56 -6.55 2.28 4.84
CA GLY C 56 -6.20 2.58 3.44
C GLY C 56 -7.11 3.56 2.73
N THR C 57 -8.06 4.17 3.45
CA THR C 57 -9.06 5.09 2.85
C THR C 57 -9.06 6.43 3.58
N ALA C 58 -9.78 7.41 3.00
CA ALA C 58 -10.01 8.71 3.66
C ALA C 58 -11.47 9.10 3.46
N LYS C 59 -12.06 9.68 4.50
CA LYS C 59 -13.46 10.15 4.46
C LYS C 59 -13.54 11.57 5.00
N THR C 60 -14.11 12.50 4.25
CA THR C 60 -14.24 13.91 4.70
C THR C 60 -15.56 14.12 5.45
N VAL C 61 -15.50 14.72 6.63
CA VAL C 61 -16.72 15.23 7.32
C VAL C 61 -16.50 16.68 7.66
N MET C 62 -17.51 17.51 7.37
CA MET C 62 -17.49 18.96 7.71
C MET C 62 -17.75 19.18 9.20
N CYS C 63 -16.99 20.08 9.79
CA CYS C 63 -17.24 20.73 11.09
C CYS C 63 -17.65 22.16 10.76
N GLY C 64 -18.96 22.45 10.75
CA GLY C 64 -19.47 23.67 10.09
C GLY C 64 -19.23 23.63 8.60
N THR C 65 -18.38 24.51 8.04
CA THR C 65 -17.93 24.40 6.62
C THR C 65 -16.44 23.96 6.53
N TYR C 66 -15.78 23.71 7.65
CA TYR C 66 -14.32 23.41 7.69
C TYR C 66 -14.12 21.90 7.50
N PRO C 67 -13.49 21.46 6.36
CA PRO C 67 -13.40 20.04 6.06
C PRO C 67 -12.33 19.37 6.93
N VAL C 68 -12.73 18.25 7.53
CA VAL C 68 -11.81 17.31 8.24
C VAL C 68 -11.72 16.02 7.44
N ILE C 69 -10.53 15.71 6.91
CA ILE C 69 -10.29 14.53 6.03
C ILE C 69 -9.75 13.42 6.95
N HIS C 70 -10.58 12.43 7.31
CA HIS C 70 -10.16 11.34 8.21
C HIS C 70 -9.43 10.28 7.37
N ALA C 71 -8.12 10.20 7.49
CA ALA C 71 -7.23 9.30 6.71
C ALA C 71 -6.77 8.19 7.66
N VAL C 72 -7.08 6.94 7.28
CA VAL C 72 -6.75 5.78 8.14
C VAL C 72 -5.53 5.08 7.55
N GLY C 73 -4.36 5.37 8.10
CA GLY C 73 -3.15 4.60 7.82
C GLY C 73 -3.21 3.29 8.57
N PRO C 74 -2.39 2.32 8.11
CA PRO C 74 -2.28 1.05 8.83
C PRO C 74 -1.55 1.22 10.16
N ASN C 75 -1.94 0.38 11.12
CA ASN C 75 -1.22 0.20 12.39
C ASN C 75 -0.17 -0.89 12.19
N PHE C 76 1.11 -0.52 12.17
CA PHE C 76 2.21 -1.47 11.88
C PHE C 76 2.47 -2.44 13.04
N SER C 77 1.78 -2.32 14.18
CA SER C 77 1.80 -3.36 15.25
C SER C 77 1.04 -4.61 14.79
N ASN C 78 0.15 -4.47 13.81
CA ASN C 78 -0.77 -5.54 13.36
C ASN C 78 -0.64 -5.80 11.86
N TYR C 79 0.03 -4.95 11.11
CA TYR C 79 0.25 -5.14 9.65
C TYR C 79 1.71 -5.55 9.44
N THR C 80 1.95 -6.43 8.48
CA THR C 80 3.35 -6.74 8.06
C THR C 80 3.93 -5.50 7.38
N GLU C 81 5.24 -5.45 7.20
CA GLU C 81 5.88 -4.34 6.43
C GLU C 81 5.32 -4.31 5.02
N SER C 82 5.16 -5.47 4.38
CA SER C 82 4.65 -5.54 2.99
C SER C 82 3.21 -5.00 2.88
N GLU C 83 2.28 -5.57 3.65
CA GLU C 83 0.85 -5.19 3.56
C GLU C 83 0.69 -3.73 4.03
N GLY C 84 1.39 -3.33 5.05
CA GLY C 84 1.27 -1.96 5.58
C GLY C 84 1.77 -0.95 4.58
N ASP C 85 2.88 -1.25 3.90
CA ASP C 85 3.44 -0.30 2.94
C ASP C 85 2.38 0.02 1.89
N ARG C 86 1.65 -0.96 1.40
CA ARG C 86 0.61 -0.73 0.36
C ARG C 86 -0.57 0.09 0.96
N GLU C 87 -0.99 -0.19 2.19
CA GLU C 87 -2.17 0.51 2.78
C GLU C 87 -1.79 1.98 3.10
N LEU C 88 -0.53 2.23 3.47
CA LEU C 88 -0.04 3.60 3.77
C LEU C 88 -0.03 4.43 2.47
N ALA C 89 0.52 3.87 1.39
CA ALA C 89 0.45 4.51 0.05
C ALA C 89 -1.01 4.83 -0.32
N ALA C 90 -1.95 3.90 -0.11
CA ALA C 90 -3.35 4.04 -0.52
C ALA C 90 -4.03 5.14 0.34
N ALA C 91 -3.74 5.21 1.64
CA ALA C 91 -4.34 6.25 2.53
C ALA C 91 -3.98 7.62 1.95
N TYR C 92 -2.72 7.81 1.59
CA TYR C 92 -2.28 9.10 1.03
C TYR C 92 -2.92 9.40 -0.32
N ARG C 93 -3.06 8.41 -1.20
N ARG C 93 -3.06 8.41 -1.20
CA ARG C 93 -3.72 8.62 -2.52
CA ARG C 93 -3.72 8.61 -2.51
C ARG C 93 -5.16 9.09 -2.29
C ARG C 93 -5.16 9.10 -2.28
N GLU C 94 -5.84 8.51 -1.29
CA GLU C 94 -7.23 8.94 -0.95
C GLU C 94 -7.21 10.38 -0.39
N VAL C 95 -6.17 10.79 0.34
CA VAL C 95 -6.12 12.20 0.84
C VAL C 95 -6.00 13.12 -0.39
N ALA C 96 -5.14 12.80 -1.35
CA ALA C 96 -4.98 13.61 -2.58
C ALA C 96 -6.33 13.75 -3.31
N LYS C 97 -7.09 12.66 -3.44
CA LYS C 97 -8.42 12.69 -4.07
C LYS C 97 -9.37 13.62 -3.28
N GLU C 98 -9.38 13.51 -1.95
CA GLU C 98 -10.30 14.33 -1.11
C GLU C 98 -9.92 15.80 -1.19
N VAL C 99 -8.62 16.11 -1.11
CA VAL C 99 -8.16 17.53 -1.26
C VAL C 99 -8.60 18.09 -2.61
N THR C 100 -8.45 17.32 -3.70
CA THR C 100 -8.79 17.74 -5.09
C THR C 100 -10.32 17.98 -5.15
N ARG C 101 -11.08 17.03 -4.63
CA ARG C 101 -12.56 17.08 -4.67
C ARG C 101 -13.02 18.37 -3.96
N LEU C 102 -12.40 18.70 -2.83
CA LEU C 102 -12.87 19.87 -2.04
C LEU C 102 -12.55 21.22 -2.71
N GLY C 103 -11.55 21.28 -3.58
CA GLY C 103 -11.17 22.52 -4.31
C GLY C 103 -10.36 23.47 -3.45
N VAL C 104 -9.89 23.03 -2.28
CA VAL C 104 -9.10 23.88 -1.32
C VAL C 104 -7.76 24.30 -1.95
N ASN C 105 -7.21 25.43 -1.50
CA ASN C 105 -5.88 25.92 -1.97
C ASN C 105 -4.78 25.53 -0.97
N SER C 106 -5.15 24.94 0.16
CA SER C 106 -4.18 24.52 1.18
C SER C 106 -4.76 23.42 2.06
N VAL C 107 -3.86 22.64 2.67
CA VAL C 107 -4.18 21.47 3.52
C VAL C 107 -3.08 21.31 4.57
N ALA C 108 -3.48 21.03 5.81
CA ALA C 108 -2.64 20.71 6.95
C ALA C 108 -2.63 19.18 7.08
N ILE C 109 -1.45 18.58 7.05
N ILE C 109 -1.46 18.57 7.13
CA ILE C 109 -1.28 17.08 7.02
CA ILE C 109 -1.36 17.08 7.06
C ILE C 109 -0.30 16.67 8.11
C ILE C 109 -0.27 16.59 8.01
N PRO C 110 -0.57 15.57 8.85
CA PRO C 110 0.44 14.94 9.68
C PRO C 110 1.05 13.75 8.92
N LEU C 111 2.18 13.23 9.38
CA LEU C 111 2.76 11.99 8.77
C LEU C 111 1.99 10.77 9.31
N LEU C 112 1.24 10.14 8.44
CA LEU C 112 0.44 8.96 8.81
C LEU C 112 1.33 7.79 9.21
N SER C 113 0.84 7.00 10.16
CA SER C 113 1.45 5.76 10.67
C SER C 113 2.82 6.04 11.31
N THR C 114 3.07 7.22 11.90
CA THR C 114 4.40 7.52 12.50
C THR C 114 4.37 7.60 14.03
N GLY C 115 3.21 7.51 14.67
CA GLY C 115 3.12 7.64 16.16
C GLY C 115 2.73 6.30 16.76
N VAL C 116 1.53 6.20 17.30
CA VAL C 116 1.04 4.95 17.96
C VAL C 116 0.81 3.86 16.90
N TYR C 117 0.72 4.21 15.61
CA TYR C 117 0.54 3.22 14.51
C TYR C 117 1.92 2.85 13.91
N SER C 118 3.02 3.35 14.44
CA SER C 118 4.38 3.09 13.88
C SER C 118 4.84 1.65 14.14
N GLY C 119 4.20 0.92 15.06
CA GLY C 119 4.73 -0.37 15.53
C GLY C 119 6.13 -0.27 16.10
N GLY C 120 6.49 0.88 16.68
CA GLY C 120 7.80 1.15 17.32
C GLY C 120 8.95 1.45 16.37
N LYS C 121 8.72 1.66 15.06
CA LYS C 121 9.82 1.92 14.08
C LYS C 121 9.79 3.40 13.68
N ASP C 122 10.94 3.96 13.30
CA ASP C 122 11.07 5.32 12.74
C ASP C 122 10.58 5.30 11.29
N ARG C 123 9.40 5.85 11.00
CA ARG C 123 8.79 5.80 9.64
C ARG C 123 8.73 7.20 9.01
N LEU C 124 9.59 8.13 9.42
CA LEU C 124 9.59 9.49 8.80
C LEU C 124 9.75 9.41 7.28
N THR C 125 10.85 8.81 6.80
CA THR C 125 11.16 8.78 5.36
C THR C 125 10.07 8.00 4.62
N GLN C 126 9.64 6.86 5.15
CA GLN C 126 8.62 6.02 4.46
C GLN C 126 7.32 6.82 4.32
N SER C 127 6.85 7.43 5.41
CA SER C 127 5.56 8.15 5.42
C SER C 127 5.68 9.37 4.51
N LEU C 128 6.77 10.13 4.61
CA LEU C 128 6.97 11.35 3.80
C LEU C 128 7.08 10.98 2.32
N ASN C 129 7.77 9.89 1.96
CA ASN C 129 7.85 9.47 0.54
C ASN C 129 6.42 9.21 0.02
N HIS C 130 5.59 8.48 0.76
CA HIS C 130 4.22 8.21 0.29
C HIS C 130 3.42 9.53 0.19
N LEU C 131 3.63 10.47 1.09
CA LEU C 131 2.93 11.78 1.06
C LEU C 131 3.27 12.50 -0.25
N PHE C 132 4.55 12.57 -0.59
CA PHE C 132 4.99 13.25 -1.83
C PHE C 132 4.44 12.50 -3.04
N THR C 133 4.52 11.17 -3.08
CA THR C 133 4.01 10.37 -4.22
C THR C 133 2.54 10.77 -4.50
N ALA C 134 1.72 10.93 -3.47
CA ALA C 134 0.29 11.24 -3.64
C ALA C 134 0.07 12.74 -3.92
N MET C 135 0.79 13.62 -3.22
CA MET C 135 0.43 15.08 -3.23
C MET C 135 1.18 15.84 -4.35
N ASP C 136 2.22 15.26 -4.94
CA ASP C 136 3.01 16.03 -5.95
C ASP C 136 2.12 16.45 -7.11
N SER C 137 1.08 15.67 -7.48
CA SER C 137 0.24 16.01 -8.64
C SER C 137 -0.91 16.94 -8.26
N THR C 138 -1.05 17.32 -6.98
CA THR C 138 -2.04 18.31 -6.50
C THR C 138 -1.47 19.72 -6.53
N ASP C 139 -2.34 20.72 -6.63
CA ASP C 139 -1.95 22.15 -6.70
C ASP C 139 -2.23 22.85 -5.37
N ALA C 140 -2.58 22.14 -4.31
CA ALA C 140 -2.77 22.77 -2.98
C ALA C 140 -1.44 23.05 -2.31
N ASP C 141 -1.33 24.15 -1.56
CA ASP C 141 -0.22 24.34 -0.62
C ASP C 141 -0.34 23.28 0.47
N VAL C 142 0.69 22.50 0.68
CA VAL C 142 0.70 21.41 1.69
C VAL C 142 1.57 21.86 2.87
N VAL C 143 1.02 21.82 4.07
CA VAL C 143 1.77 22.17 5.29
C VAL C 143 1.80 20.95 6.19
N ILE C 144 2.98 20.39 6.44
CA ILE C 144 3.17 19.16 7.25
C ILE C 144 3.37 19.59 8.69
N TYR C 145 2.63 18.99 9.61
CA TYR C 145 2.73 19.33 11.06
C TYR C 145 3.46 18.22 11.80
N CYS C 146 4.44 18.58 12.62
CA CYS C 146 5.14 17.61 13.48
C CYS C 146 5.34 18.23 14.88
N ARG C 147 5.83 17.41 15.82
CA ARG C 147 5.99 17.80 17.26
C ARG C 147 7.47 17.84 17.63
N ASP C 148 8.30 17.05 16.96
CA ASP C 148 9.72 16.81 17.37
C ASP C 148 10.65 17.72 16.58
N LYS C 149 11.62 18.36 17.23
CA LYS C 149 12.57 19.26 16.52
C LYS C 149 13.46 18.48 15.53
N GLU C 150 13.91 17.26 15.85
CA GLU C 150 14.76 16.48 14.89
C GLU C 150 13.93 16.10 13.63
N TRP C 151 12.66 15.79 13.81
CA TRP C 151 11.75 15.46 12.66
C TRP C 151 11.54 16.74 11.83
N GLU C 152 11.32 17.88 12.46
CA GLU C 152 11.17 19.15 11.73
C GLU C 152 12.37 19.36 10.80
N LYS C 153 13.58 19.18 11.30
CA LYS C 153 14.82 19.44 10.50
C LYS C 153 14.90 18.45 9.33
N LYS C 154 14.68 17.16 9.57
CA LYS C 154 14.72 16.10 8.52
C LYS C 154 13.64 16.34 7.46
N ILE C 155 12.42 16.69 7.87
CA ILE C 155 11.35 16.97 6.85
C ILE C 155 11.72 18.21 6.05
N SER C 156 12.21 19.25 6.73
CA SER C 156 12.63 20.49 6.06
C SER C 156 13.72 20.19 5.02
N GLU C 157 14.71 19.37 5.38
CA GLU C 157 15.82 19.00 4.43
C GLU C 157 15.26 18.26 3.23
N ALA C 158 14.36 17.31 3.47
CA ALA C 158 13.72 16.50 2.40
C ALA C 158 12.99 17.40 1.42
N ILE C 159 12.29 18.43 1.90
CA ILE C 159 11.51 19.35 1.04
C ILE C 159 12.52 20.14 0.20
N GLN C 160 13.55 20.64 0.84
CA GLN C 160 14.53 21.55 0.18
C GLN C 160 15.36 20.75 -0.84
N MET C 161 15.64 19.48 -0.60
CA MET C 161 16.40 18.63 -1.55
C MET C 161 15.81 18.73 -2.96
N ARG C 162 14.49 18.86 -3.13
CA ARG C 162 13.80 18.71 -4.46
C ARG C 162 13.57 20.07 -5.15
N THR C 163 13.74 21.20 -4.44
CA THR C 163 13.52 22.56 -4.98
C THR C 163 14.85 23.10 -5.52
N PRO D 5 -4.55 26.52 -38.47
CA PRO D 5 -3.33 25.75 -38.15
C PRO D 5 -3.25 24.41 -38.89
N SER D 6 -2.03 23.87 -39.02
N SER D 6 -2.03 23.91 -39.10
CA SER D 6 -1.71 22.58 -39.69
CA SER D 6 -1.72 22.58 -39.69
C SER D 6 -1.20 21.58 -38.66
C SER D 6 -1.34 21.61 -38.56
N TYR D 7 -1.68 20.32 -38.71
CA TYR D 7 -1.36 19.28 -37.71
C TYR D 7 -0.54 18.18 -38.34
N ARG D 8 0.49 17.74 -37.61
CA ARG D 8 1.31 16.54 -37.93
C ARG D 8 1.54 15.79 -36.63
N VAL D 9 1.96 14.54 -36.74
CA VAL D 9 2.35 13.69 -35.58
C VAL D 9 3.74 13.14 -35.87
N LYS D 10 4.58 13.03 -34.85
CA LYS D 10 5.87 12.34 -34.90
C LYS D 10 5.93 11.39 -33.71
N ARG D 11 6.48 10.20 -33.95
CA ARG D 11 6.81 9.19 -32.93
C ARG D 11 8.27 9.37 -32.55
N MET D 12 8.54 10.26 -31.61
CA MET D 12 9.93 10.54 -31.16
C MET D 12 9.87 11.37 -29.89
N ASP D 13 11.01 11.46 -29.23
CA ASP D 13 11.22 12.24 -27.98
C ASP D 13 10.96 13.73 -28.28
N ILE D 14 9.97 14.33 -27.61
CA ILE D 14 9.63 15.77 -27.78
C ILE D 14 10.85 16.64 -27.40
N ALA D 15 11.77 16.12 -26.62
CA ALA D 15 13.02 16.83 -26.21
C ALA D 15 13.93 17.04 -27.43
N LYS D 16 13.65 16.38 -28.56
CA LYS D 16 14.41 16.53 -29.83
C LYS D 16 13.52 17.12 -30.92
N ASN D 17 12.52 17.90 -30.55
CA ASN D 17 11.58 18.47 -31.55
C ASN D 17 12.30 19.44 -32.50
N ASP D 18 11.66 19.67 -33.64
CA ASP D 18 12.11 20.60 -34.70
C ASP D 18 11.18 21.81 -34.77
N GLU D 19 10.57 22.24 -33.68
CA GLU D 19 9.63 23.38 -33.69
C GLU D 19 10.18 24.57 -32.88
N GLU D 20 9.53 25.74 -33.00
CA GLU D 20 10.03 27.01 -32.37
C GLU D 20 9.80 27.06 -30.85
N CYS D 21 8.98 26.17 -30.29
CA CYS D 21 8.74 26.12 -28.84
C CYS D 21 8.17 24.76 -28.49
N VAL D 22 8.11 24.47 -27.20
CA VAL D 22 7.70 23.13 -26.71
C VAL D 22 6.71 23.33 -25.57
N VAL D 23 5.76 22.41 -25.52
CA VAL D 23 4.81 22.28 -24.39
C VAL D 23 5.26 21.11 -23.53
N ASN D 24 5.55 21.42 -22.27
CA ASN D 24 5.86 20.43 -21.23
C ASN D 24 4.54 19.90 -20.67
N ALA D 25 4.43 18.57 -20.52
CA ALA D 25 3.36 17.96 -19.69
C ALA D 25 3.82 18.03 -18.23
N ALA D 26 3.57 19.16 -17.60
CA ALA D 26 4.19 19.58 -16.34
C ALA D 26 3.38 19.07 -15.14
N ASN D 27 3.99 19.08 -13.98
CA ASN D 27 3.27 18.91 -12.70
C ASN D 27 3.10 20.30 -12.09
N PRO D 28 2.16 20.45 -11.14
CA PRO D 28 1.87 21.79 -10.64
C PRO D 28 3.01 22.40 -9.81
N ARG D 29 3.96 21.59 -9.36
CA ARG D 29 5.00 22.04 -8.39
C ARG D 29 6.29 22.45 -9.10
N GLY D 30 6.35 22.30 -10.41
CA GLY D 30 7.57 22.55 -11.17
C GLY D 30 8.67 21.57 -10.84
N LEU D 31 8.34 20.33 -10.45
CA LEU D 31 9.32 19.25 -10.15
C LEU D 31 9.77 18.60 -11.45
N PRO D 32 10.98 18.00 -11.48
CA PRO D 32 11.47 17.23 -12.63
C PRO D 32 10.54 16.13 -13.14
N GLY D 33 9.91 15.39 -12.22
CA GLY D 33 8.87 14.40 -12.60
C GLY D 33 9.42 13.18 -13.30
N ASP D 34 8.62 12.59 -14.18
CA ASP D 34 9.01 11.44 -15.04
C ASP D 34 8.33 11.60 -16.41
N GLY D 35 8.57 10.67 -17.33
CA GLY D 35 8.05 10.74 -18.71
C GLY D 35 8.56 11.97 -19.45
N VAL D 36 7.66 12.61 -20.20
CA VAL D 36 7.92 13.85 -20.99
C VAL D 36 8.58 14.88 -20.05
N CYS D 37 8.01 15.08 -18.86
CA CYS D 37 8.46 16.13 -17.91
C CYS D 37 9.95 15.88 -17.60
N LYS D 38 10.35 14.62 -17.38
CA LYS D 38 11.76 14.31 -17.01
C LYS D 38 12.69 14.62 -18.20
N ALA D 39 12.26 14.32 -19.42
CA ALA D 39 13.09 14.55 -20.64
C ALA D 39 13.23 16.05 -20.90
N VAL D 40 12.16 16.80 -20.65
CA VAL D 40 12.09 18.28 -20.76
C VAL D 40 13.05 18.87 -19.70
N TYR D 41 13.04 18.33 -18.49
CA TYR D 41 13.94 18.79 -17.41
C TYR D 41 15.40 18.57 -17.82
N LYS D 42 15.72 17.40 -18.39
CA LYS D 42 17.13 17.12 -18.82
C LYS D 42 17.57 18.06 -19.94
N LYS D 43 16.66 18.43 -20.85
CA LYS D 43 16.98 19.23 -22.08
C LYS D 43 17.00 20.73 -21.76
N TRP D 44 16.03 21.25 -21.00
CA TRP D 44 15.83 22.69 -20.76
C TRP D 44 15.70 22.94 -19.25
N PRO D 45 16.69 22.53 -18.41
CA PRO D 45 16.52 22.63 -16.95
C PRO D 45 16.32 24.08 -16.49
N GLU D 46 16.91 25.06 -17.19
CA GLU D 46 16.75 26.49 -16.81
C GLU D 46 15.28 26.90 -16.88
N SER D 47 14.46 26.22 -17.69
CA SER D 47 13.03 26.59 -17.86
C SER D 47 12.20 26.20 -16.62
N PHE D 48 12.77 25.51 -15.63
CA PHE D 48 12.01 25.13 -14.41
C PHE D 48 12.13 26.17 -13.26
N LYS D 49 12.79 27.31 -13.53
CA LYS D 49 12.86 28.45 -12.58
C LYS D 49 11.46 29.06 -12.44
N ASN D 50 10.83 28.86 -11.27
CA ASN D 50 9.49 29.42 -10.99
C ASN D 50 8.51 28.94 -12.08
N SER D 51 8.56 27.68 -12.47
CA SER D 51 7.58 27.11 -13.44
C SER D 51 6.32 26.59 -12.73
N ALA D 52 6.30 26.51 -11.41
CA ALA D 52 5.12 25.99 -10.67
C ALA D 52 3.90 26.83 -11.09
N THR D 53 2.76 26.15 -11.30
CA THR D 53 1.52 26.81 -11.76
C THR D 53 0.37 25.84 -11.48
N PRO D 54 -0.85 26.33 -11.26
CA PRO D 54 -1.91 25.42 -10.89
C PRO D 54 -2.36 24.52 -12.05
N VAL D 55 -3.11 23.49 -11.66
CA VAL D 55 -3.83 22.64 -12.65
C VAL D 55 -4.69 23.49 -13.57
N GLY D 56 -4.76 23.14 -14.85
CA GLY D 56 -5.56 23.88 -15.83
C GLY D 56 -4.91 25.15 -16.34
N THR D 57 -3.64 25.42 -16.00
CA THR D 57 -2.91 26.63 -16.43
C THR D 57 -1.66 26.27 -17.23
N ALA D 58 -1.16 27.27 -17.95
CA ALA D 58 0.13 27.15 -18.64
C ALA D 58 1.03 28.34 -18.25
N LYS D 59 2.30 28.09 -18.03
CA LYS D 59 3.27 29.13 -17.65
C LYS D 59 4.51 28.95 -18.51
N THR D 60 4.86 29.99 -19.27
CA THR D 60 5.99 29.97 -20.21
C THR D 60 7.25 30.47 -19.49
N VAL D 61 8.31 29.66 -19.53
CA VAL D 61 9.66 30.05 -19.04
C VAL D 61 10.66 29.80 -20.18
N MET D 62 11.51 30.80 -20.43
N MET D 62 11.51 30.79 -20.44
CA MET D 62 12.56 30.75 -21.48
CA MET D 62 12.50 30.74 -21.54
C MET D 62 13.73 29.89 -21.00
C MET D 62 13.75 29.98 -21.07
N CYS D 63 14.28 29.09 -21.91
CA CYS D 63 15.60 28.44 -21.73
C CYS D 63 16.46 29.09 -22.82
N GLY D 64 17.27 30.08 -22.44
CA GLY D 64 17.88 30.95 -23.46
C GLY D 64 16.80 31.78 -24.10
N THR D 65 16.56 31.61 -25.42
CA THR D 65 15.46 32.27 -26.14
C THR D 65 14.41 31.24 -26.55
N TYR D 66 14.54 29.98 -26.12
CA TYR D 66 13.63 28.88 -26.52
C TYR D 66 12.51 28.78 -25.48
N PRO D 67 11.24 29.01 -25.86
CA PRO D 67 10.15 29.04 -24.89
C PRO D 67 9.69 27.62 -24.53
N VAL D 68 9.59 27.35 -23.24
CA VAL D 68 9.00 26.08 -22.72
C VAL D 68 7.68 26.47 -22.05
N ILE D 69 6.56 26.00 -22.59
CA ILE D 69 5.19 26.32 -22.11
C ILE D 69 4.82 25.17 -21.16
N HIS D 70 4.95 25.35 -19.84
CA HIS D 70 4.60 24.31 -18.85
C HIS D 70 3.08 24.25 -18.70
N ALA D 71 2.44 23.21 -19.21
CA ALA D 71 0.96 23.08 -19.18
C ALA D 71 0.58 21.97 -18.18
N VAL D 72 -0.28 22.29 -17.22
CA VAL D 72 -0.57 21.34 -16.11
C VAL D 72 -1.95 20.70 -16.36
N GLY D 73 -1.95 19.53 -16.96
CA GLY D 73 -3.21 18.77 -17.10
C GLY D 73 -3.57 18.16 -15.77
N PRO D 74 -4.85 17.78 -15.59
CA PRO D 74 -5.28 17.13 -14.37
C PRO D 74 -4.76 15.71 -14.26
N ASN D 75 -4.49 15.28 -13.05
CA ASN D 75 -4.26 13.85 -12.72
C ASN D 75 -5.62 13.20 -12.47
N PHE D 76 -6.07 12.35 -13.40
CA PHE D 76 -7.38 11.65 -13.26
C PHE D 76 -7.46 10.63 -12.12
N SER D 77 -6.33 10.31 -11.47
CA SER D 77 -6.32 9.58 -10.18
C SER D 77 -6.89 10.46 -9.05
N ASN D 78 -6.87 11.78 -9.22
CA ASN D 78 -7.33 12.75 -8.18
C ASN D 78 -8.67 13.38 -8.53
N TYR D 79 -8.92 13.66 -9.82
CA TYR D 79 -10.10 14.40 -10.33
C TYR D 79 -11.17 13.39 -10.75
N THR D 80 -12.43 13.75 -10.53
CA THR D 80 -13.57 13.08 -11.22
C THR D 80 -13.45 13.22 -12.72
N GLU D 81 -14.12 12.34 -13.46
CA GLU D 81 -14.19 12.51 -14.94
C GLU D 81 -14.71 13.90 -15.30
N SER D 82 -15.77 14.38 -14.61
CA SER D 82 -16.43 15.66 -14.91
C SER D 82 -15.45 16.83 -14.65
N GLU D 83 -14.87 16.91 -13.46
CA GLU D 83 -14.00 18.08 -13.10
C GLU D 83 -12.70 18.02 -13.92
N GLY D 84 -12.14 16.83 -14.10
CA GLY D 84 -10.94 16.57 -14.91
C GLY D 84 -11.13 17.00 -16.34
N ASP D 85 -12.27 16.67 -16.95
CA ASP D 85 -12.52 17.07 -18.35
C ASP D 85 -12.43 18.58 -18.52
N ARG D 86 -12.98 19.35 -17.57
CA ARG D 86 -12.99 20.83 -17.60
C ARG D 86 -11.53 21.32 -17.47
N GLU D 87 -10.73 20.71 -16.60
CA GLU D 87 -9.32 21.18 -16.36
C GLU D 87 -8.44 20.82 -17.56
N LEU D 88 -8.72 19.73 -18.27
CA LEU D 88 -7.93 19.33 -19.45
C LEU D 88 -8.22 20.33 -20.57
N ALA D 89 -9.49 20.66 -20.81
CA ALA D 89 -9.91 21.73 -21.76
C ALA D 89 -9.13 23.02 -21.43
N ALA D 90 -9.10 23.40 -20.16
CA ALA D 90 -8.54 24.69 -19.69
C ALA D 90 -7.03 24.71 -19.97
N ALA D 91 -6.33 23.64 -19.67
CA ALA D 91 -4.86 23.59 -19.88
C ALA D 91 -4.56 23.83 -21.37
N TYR D 92 -5.23 23.14 -22.26
CA TYR D 92 -5.03 23.38 -23.71
C TYR D 92 -5.41 24.81 -24.15
N ARG D 93 -6.52 25.34 -23.64
CA ARG D 93 -6.94 26.75 -23.88
C ARG D 93 -5.79 27.71 -23.52
N GLU D 94 -5.19 27.52 -22.34
CA GLU D 94 -4.07 28.36 -21.88
C GLU D 94 -2.82 28.15 -22.75
N VAL D 95 -2.54 26.93 -23.20
CA VAL D 95 -1.44 26.66 -24.20
C VAL D 95 -1.69 27.52 -25.45
N ALA D 96 -2.89 27.47 -26.02
CA ALA D 96 -3.22 28.18 -27.29
C ALA D 96 -2.95 29.68 -27.10
N LYS D 97 -3.35 30.23 -25.96
CA LYS D 97 -3.20 31.67 -25.64
C LYS D 97 -1.70 32.03 -25.61
N GLU D 98 -0.87 31.17 -25.02
CA GLU D 98 0.61 31.41 -24.94
C GLU D 98 1.24 31.31 -26.34
N VAL D 99 0.83 30.34 -27.15
CA VAL D 99 1.36 30.16 -28.54
C VAL D 99 1.07 31.44 -29.34
N THR D 100 -0.16 31.97 -29.27
CA THR D 100 -0.55 33.22 -29.99
C THR D 100 0.32 34.36 -29.47
N ARG D 101 0.42 34.54 -28.16
CA ARG D 101 1.11 35.69 -27.52
C ARG D 101 2.60 35.68 -27.92
N LEU D 102 3.20 34.50 -28.01
CA LEU D 102 4.64 34.34 -28.32
C LEU D 102 4.89 34.65 -29.80
N GLY D 103 3.87 34.47 -30.65
CA GLY D 103 3.94 34.74 -32.10
C GLY D 103 4.78 33.74 -32.86
N VAL D 104 5.00 32.54 -32.30
CA VAL D 104 5.78 31.47 -32.94
C VAL D 104 5.07 30.98 -34.21
N ASN D 105 5.83 30.35 -35.10
CA ASN D 105 5.30 29.72 -36.33
C ASN D 105 4.97 28.25 -36.07
N SER D 106 5.54 27.63 -35.04
CA SER D 106 5.35 26.18 -34.81
C SER D 106 5.47 25.87 -33.33
N VAL D 107 4.86 24.76 -32.93
CA VAL D 107 4.87 24.29 -31.52
C VAL D 107 4.84 22.76 -31.52
N ALA D 108 5.65 22.18 -30.65
CA ALA D 108 5.74 20.75 -30.30
C ALA D 108 4.86 20.55 -29.06
N ILE D 109 3.90 19.61 -29.12
N ILE D 109 3.88 19.65 -29.16
CA ILE D 109 2.89 19.44 -28.04
CA ILE D 109 2.87 19.38 -28.08
C ILE D 109 2.66 17.94 -27.79
C ILE D 109 2.79 17.89 -27.80
N PRO D 110 2.71 17.49 -26.52
CA PRO D 110 2.37 16.12 -26.17
C PRO D 110 0.89 16.02 -25.82
N LEU D 111 0.35 14.80 -25.71
CA LEU D 111 -1.09 14.64 -25.32
C LEU D 111 -1.19 14.68 -23.80
N LEU D 112 -1.73 15.78 -23.28
CA LEU D 112 -1.74 16.00 -21.82
C LEU D 112 -2.65 14.93 -21.18
N SER D 113 -2.27 14.49 -20.00
CA SER D 113 -3.08 13.63 -19.10
C SER D 113 -3.25 12.20 -19.68
N THR D 114 -2.35 11.75 -20.58
CA THR D 114 -2.47 10.43 -21.25
C THR D 114 -1.49 9.39 -20.71
N GLY D 115 -0.55 9.77 -19.84
CA GLY D 115 0.41 8.84 -19.24
C GLY D 115 0.11 8.59 -17.78
N VAL D 116 1.02 8.98 -16.88
CA VAL D 116 0.82 8.71 -15.43
C VAL D 116 -0.31 9.60 -14.89
N TYR D 117 -0.80 10.60 -15.61
CA TYR D 117 -2.02 11.37 -15.17
C TYR D 117 -3.32 10.78 -15.74
N SER D 118 -3.28 9.64 -16.42
CA SER D 118 -4.46 9.04 -17.11
C SER D 118 -5.45 8.37 -16.16
N GLY D 119 -5.05 8.08 -14.92
CA GLY D 119 -5.87 7.31 -13.96
C GLY D 119 -6.13 5.90 -14.50
N GLY D 120 -5.19 5.38 -15.30
CA GLY D 120 -5.19 4.02 -15.86
C GLY D 120 -6.10 3.85 -17.07
N LYS D 121 -6.65 4.92 -17.62
CA LYS D 121 -7.61 4.89 -18.75
C LYS D 121 -6.94 5.37 -20.03
N ASP D 122 -7.40 4.85 -21.17
CA ASP D 122 -6.96 5.30 -22.52
C ASP D 122 -7.66 6.61 -22.83
N ARG D 123 -6.91 7.72 -22.83
CA ARG D 123 -7.40 9.09 -23.06
C ARG D 123 -6.86 9.71 -24.35
N LEU D 124 -6.45 8.89 -25.32
CA LEU D 124 -5.99 9.43 -26.64
C LEU D 124 -7.06 10.34 -27.25
N THR D 125 -8.28 9.84 -27.51
CA THR D 125 -9.35 10.62 -28.19
C THR D 125 -9.73 11.86 -27.38
N GLN D 126 -9.91 11.71 -26.08
CA GLN D 126 -10.33 12.83 -25.19
C GLN D 126 -9.26 13.92 -25.25
N SER D 127 -8.00 13.54 -25.06
CA SER D 127 -6.88 14.55 -25.03
C SER D 127 -6.74 15.23 -26.40
N LEU D 128 -6.74 14.45 -27.50
CA LEU D 128 -6.59 15.01 -28.86
C LEU D 128 -7.77 15.93 -29.19
N ASN D 129 -9.00 15.63 -28.71
CA ASN D 129 -10.16 16.49 -29.03
C ASN D 129 -10.00 17.86 -28.39
N HIS D 130 -9.57 17.93 -27.13
CA HIS D 130 -9.33 19.21 -26.43
C HIS D 130 -8.17 19.96 -27.12
N LEU D 131 -7.13 19.24 -27.53
CA LEU D 131 -5.97 19.81 -28.27
C LEU D 131 -6.49 20.51 -29.56
N PHE D 132 -7.25 19.82 -30.40
CA PHE D 132 -7.75 20.43 -31.67
C PHE D 132 -8.63 21.66 -31.37
N THR D 133 -9.54 21.57 -30.40
CA THR D 133 -10.49 22.65 -30.08
C THR D 133 -9.73 23.92 -29.68
N ALA D 134 -8.68 23.79 -28.87
CA ALA D 134 -7.87 24.94 -28.43
C ALA D 134 -7.00 25.45 -29.57
N MET D 135 -6.28 24.52 -30.22
CA MET D 135 -5.18 24.92 -31.13
C MET D 135 -5.79 25.39 -32.46
N ASP D 136 -7.02 25.01 -32.78
CA ASP D 136 -7.70 25.51 -34.01
C ASP D 136 -7.81 27.03 -33.97
N SER D 137 -7.72 27.66 -32.79
CA SER D 137 -7.81 29.15 -32.66
C SER D 137 -6.47 29.80 -32.98
N THR D 138 -5.38 29.05 -33.17
CA THR D 138 -4.04 29.61 -33.52
C THR D 138 -3.79 29.51 -35.03
N ASP D 139 -2.70 30.08 -35.55
CA ASP D 139 -2.32 29.83 -36.97
C ASP D 139 -0.97 29.12 -37.04
N ALA D 140 -0.52 28.47 -35.96
CA ALA D 140 0.78 27.77 -35.89
C ALA D 140 0.69 26.38 -36.50
N ASP D 141 1.79 25.94 -37.09
CA ASP D 141 2.05 24.51 -37.37
C ASP D 141 2.15 23.81 -36.02
N VAL D 142 1.27 22.85 -35.79
CA VAL D 142 1.27 22.03 -34.55
C VAL D 142 1.82 20.65 -34.87
N VAL D 143 2.81 20.22 -34.11
CA VAL D 143 3.42 18.89 -34.23
C VAL D 143 3.23 18.16 -32.91
N ILE D 144 2.41 17.11 -32.96
CA ILE D 144 2.05 16.27 -31.79
C ILE D 144 3.08 15.18 -31.67
N TYR D 145 3.61 14.97 -30.47
CA TYR D 145 4.68 13.97 -30.19
C TYR D 145 4.07 12.82 -29.40
N CYS D 146 4.34 11.57 -29.79
CA CYS D 146 3.92 10.35 -29.06
C CYS D 146 5.04 9.32 -29.13
N ARG D 147 4.97 8.23 -28.38
CA ARG D 147 6.11 7.26 -28.26
C ARG D 147 5.68 5.84 -28.64
N ASP D 148 4.46 5.64 -29.11
CA ASP D 148 3.87 4.30 -29.41
C ASP D 148 3.36 4.27 -30.86
N LYS D 149 3.61 3.19 -31.61
CA LYS D 149 3.22 3.12 -33.05
C LYS D 149 1.70 3.11 -33.21
N GLU D 150 0.96 2.39 -32.36
CA GLU D 150 -0.52 2.32 -32.53
C GLU D 150 -1.11 3.72 -32.25
N TRP D 151 -0.57 4.43 -31.24
CA TRP D 151 -1.00 5.83 -30.94
C TRP D 151 -0.66 6.74 -32.12
N GLU D 152 0.54 6.58 -32.70
CA GLU D 152 0.97 7.35 -33.90
C GLU D 152 -0.09 7.17 -35.00
N LYS D 153 -0.49 5.93 -35.30
CA LYS D 153 -1.43 5.62 -36.40
C LYS D 153 -2.77 6.31 -36.13
N LYS D 154 -3.27 6.14 -34.90
CA LYS D 154 -4.58 6.66 -34.42
C LYS D 154 -4.59 8.19 -34.49
N ILE D 155 -3.52 8.86 -34.00
CA ILE D 155 -3.46 10.34 -34.07
C ILE D 155 -3.47 10.75 -35.55
N SER D 156 -2.64 10.11 -36.36
CA SER D 156 -2.56 10.38 -37.82
C SER D 156 -3.95 10.24 -38.45
N GLU D 157 -4.64 9.13 -38.15
CA GLU D 157 -6.03 8.91 -38.66
C GLU D 157 -6.94 10.06 -38.20
N ALA D 158 -6.86 10.49 -36.93
CA ALA D 158 -7.73 11.58 -36.43
C ALA D 158 -7.46 12.87 -37.19
N ILE D 159 -6.20 13.16 -37.52
CA ILE D 159 -5.81 14.39 -38.25
C ILE D 159 -6.42 14.32 -39.66
N GLN D 160 -6.24 13.17 -40.32
CA GLN D 160 -6.73 12.90 -41.69
C GLN D 160 -8.25 13.12 -41.73
N MET D 161 -8.98 12.60 -40.74
CA MET D 161 -10.47 12.56 -40.75
C MET D 161 -11.08 13.94 -40.42
N ARG D 162 -10.30 15.02 -40.32
CA ARG D 162 -10.83 16.40 -40.09
C ARG D 162 -10.76 17.23 -41.36
N THR D 163 -9.86 16.89 -42.29
CA THR D 163 -9.38 17.78 -43.38
C THR D 163 -10.45 17.85 -44.49
S DMS E . -2.38 -7.68 -3.93
O DMS E . -1.21 -6.79 -4.31
C1 DMS E . -1.75 -9.22 -3.45
C2 DMS E . -3.12 -8.22 -5.47
S DMS F . 10.90 -20.02 -11.67
O DMS F . 10.33 -18.77 -12.31
C1 DMS F . 12.60 -19.65 -11.33
C2 DMS F . 11.23 -21.00 -13.10
C TRS G . 27.60 -14.39 -14.06
C1 TRS G . 27.67 -14.37 -12.53
C2 TRS G . 26.84 -13.18 -14.61
C3 TRS G . 29.02 -14.45 -14.65
N TRS G . 26.82 -15.62 -14.46
O1 TRS G . 28.30 -15.55 -12.00
O2 TRS G . 27.56 -11.96 -14.46
O3 TRS G . 29.01 -14.82 -16.02
S DMS H . 17.27 0.24 -5.37
O DMS H . 17.26 -0.54 -4.08
C1 DMS H . 15.99 -0.43 -6.37
C2 DMS H . 18.64 -0.37 -6.34
S DMS I . 12.90 -23.18 12.71
O DMS I . 12.52 -21.77 13.00
C1 DMS I . 11.66 -24.20 13.49
C2 DMS I . 14.34 -23.57 13.68
CL CL J . 13.54 -23.15 -8.48
CL CL K . 0.12 -20.09 3.02
C13 U0V L . 9.20 -27.77 -4.83
C15 U0V L . 8.44 -26.08 -6.32
C17 U0V L . 8.74 -28.18 -7.13
C02 U0V L . 12.30 -31.53 -6.35
C03 U0V L . 12.94 -32.44 -7.16
C04 U0V L . 13.47 -33.58 -6.60
C05 U0V L . 13.38 -33.78 -5.23
C06 U0V L . 12.75 -32.86 -4.43
C07 U0V L . 12.18 -31.70 -4.98
C08 U0V L . 11.46 -30.75 -4.05
C11 U0V L . 11.14 -28.44 -3.33
C12 U0V L . 9.63 -28.24 -3.46
C14 U0V L . 8.83 -26.46 -5.05
C18 U0V L . 9.14 -28.65 -5.90
F01 U0V L . 11.82 -30.40 -6.91
N10 U0V L . 11.65 -29.45 -4.24
N16 U0V L . 8.38 -26.92 -7.37
O09 U0V L . 10.75 -31.18 -3.14
S DMS M . 1.02 -24.28 4.80
O DMS M . 1.73 -24.05 3.44
C1 DMS M . 0.43 -22.68 5.33
C2 DMS M . -0.58 -25.01 4.44
S DMS N . 2.54 1.52 -3.92
O DMS N . 2.87 0.76 -2.63
C1 DMS N . 1.00 0.88 -4.51
C2 DMS N . 3.56 0.83 -5.21
CL CL O . 10.76 -25.17 -1.01
S DMS P . -18.69 -16.22 10.36
O DMS P . -18.15 -16.61 11.74
C1 DMS P . -17.43 -15.26 9.62
C2 DMS P . -19.83 -14.87 10.64
S DMS Q . -15.91 -21.75 8.67
O DMS Q . -14.53 -22.35 8.69
C1 DMS Q . -16.55 -21.97 10.31
C2 DMS Q . -16.85 -23.02 7.87
S DMS R . -25.01 -12.95 8.65
O DMS R . -24.17 -13.30 9.84
C1 DMS R . -25.71 -11.34 8.99
C2 DMS R . -26.50 -13.91 8.76
CL CL S . -22.12 -10.25 10.64
CL CL T . -19.83 -19.86 11.09
S DMS U . 0.88 10.94 14.18
O DMS U . 0.09 10.58 12.93
C1 DMS U . 1.24 12.67 14.05
C2 DMS U . -0.28 11.01 15.50
CL CL V . 6.94 14.40 15.16
CL CL W . -10.96 -1.64 8.16
CL CL X . -0.12 7.29 14.08
S DMS Y . -12.82 24.16 21.15
O DMS Y . -13.57 23.33 20.12
C1 DMS Y . -11.19 24.37 20.56
C2 DMS Y . -12.46 23.08 22.53
S DMS Z . -4.39 6.77 16.12
O DMS Z . -4.90 6.96 14.71
C1 DMS Z . -5.77 7.14 17.16
C2 DMS Z . -3.39 8.20 16.50
S DMS AA . 2.18 11.92 -21.64
O DMS AA . 3.38 11.37 -20.92
C1 DMS AA . 2.72 12.25 -23.30
C2 DMS AA . 2.02 13.60 -21.09
C TRS BA . -8.22 26.76 -12.06
C1 TRS BA . -8.97 27.14 -10.78
C2 TRS BA . -9.22 26.58 -13.21
C3 TRS BA . -7.17 27.82 -12.42
N TRS BA . -7.54 25.43 -11.81
O1 TRS BA . -9.84 26.10 -10.36
O2 TRS BA . -8.59 26.13 -14.40
O3 TRS BA . -6.41 28.26 -11.30
S DMS CA . 21.47 18.64 -22.87
O DMS CA . 20.35 18.00 -23.64
C1 DMS CA . 21.73 17.58 -21.44
C2 DMS CA . 20.86 20.11 -22.07
S DMS DA . 3.70 13.90 -14.94
O DMS DA . 4.78 14.92 -14.63
C1 DMS DA . 4.44 12.71 -16.02
C2 DMS DA . 2.59 14.66 -16.10
S DMS EA . 7.88 34.80 -21.12
O DMS EA . 7.47 34.12 -22.38
C1 DMS EA . 9.01 33.72 -20.30
C2 DMS EA . 6.52 34.65 -19.99
CL CL FA . 2.24 7.53 -26.77
CL CL GA . 0.51 12.50 -18.27
#